data_1PCH
# 
_entry.id   1PCH 
# 
_audit_conform.dict_name       mmcif_pdbx.dic 
_audit_conform.dict_version    5.386 
_audit_conform.dict_location   http://mmcif.pdb.org/dictionaries/ascii/mmcif_pdbx.dic 
# 
loop_
_database_2.database_id 
_database_2.database_code 
_database_2.pdbx_database_accession 
_database_2.pdbx_DOI 
PDB   1PCH         pdb_00001pch 10.2210/pdb1pch/pdb 
WWPDB D_1000175601 ?            ?                   
# 
loop_
_pdbx_audit_revision_history.ordinal 
_pdbx_audit_revision_history.data_content_type 
_pdbx_audit_revision_history.major_revision 
_pdbx_audit_revision_history.minor_revision 
_pdbx_audit_revision_history.revision_date 
1 'Structure model' 1 0 1995-10-15 
2 'Structure model' 1 1 2008-03-24 
3 'Structure model' 1 2 2011-07-13 
4 'Structure model' 1 3 2019-07-17 
5 'Structure model' 1 4 2019-08-14 
6 'Structure model' 1 5 2024-02-14 
# 
_pdbx_audit_revision_details.ordinal             1 
_pdbx_audit_revision_details.revision_ordinal    1 
_pdbx_audit_revision_details.data_content_type   'Structure model' 
_pdbx_audit_revision_details.provider            repository 
_pdbx_audit_revision_details.type                'Initial release' 
_pdbx_audit_revision_details.description         ? 
_pdbx_audit_revision_details.details             ? 
# 
loop_
_pdbx_audit_revision_group.ordinal 
_pdbx_audit_revision_group.revision_ordinal 
_pdbx_audit_revision_group.data_content_type 
_pdbx_audit_revision_group.group 
1  2 'Structure model' 'Version format compliance' 
2  3 'Structure model' 'Version format compliance' 
3  4 'Structure model' 'Data collection'           
4  4 'Structure model' Other                       
5  4 'Structure model' 'Refinement description'    
6  5 'Structure model' 'Data collection'           
7  5 'Structure model' 'Refinement description'    
8  6 'Structure model' 'Data collection'           
9  6 'Structure model' 'Database references'       
10 6 'Structure model' 'Derived calculations'      
# 
loop_
_pdbx_audit_revision_category.ordinal 
_pdbx_audit_revision_category.revision_ordinal 
_pdbx_audit_revision_category.data_content_type 
_pdbx_audit_revision_category.category 
1 4 'Structure model' pdbx_database_status 
2 4 'Structure model' software             
3 5 'Structure model' software             
4 6 'Structure model' chem_comp_atom       
5 6 'Structure model' chem_comp_bond       
6 6 'Structure model' database_2           
7 6 'Structure model' struct_site          
# 
loop_
_pdbx_audit_revision_item.ordinal 
_pdbx_audit_revision_item.revision_ordinal 
_pdbx_audit_revision_item.data_content_type 
_pdbx_audit_revision_item.item 
1  4 'Structure model' '_pdbx_database_status.process_site'  
2  4 'Structure model' '_software.classification'            
3  4 'Structure model' '_software.name'                      
4  4 'Structure model' '_software.version'                   
5  5 'Structure model' '_software.classification'            
6  5 'Structure model' '_software.name'                      
7  5 'Structure model' '_software.version'                   
8  6 'Structure model' '_database_2.pdbx_DOI'                
9  6 'Structure model' '_database_2.pdbx_database_accession' 
10 6 'Structure model' '_struct_site.pdbx_auth_asym_id'      
11 6 'Structure model' '_struct_site.pdbx_auth_comp_id'      
12 6 'Structure model' '_struct_site.pdbx_auth_seq_id'       
# 
_pdbx_database_status.status_code                     REL 
_pdbx_database_status.entry_id                        1PCH 
_pdbx_database_status.recvd_initial_deposition_date   1995-07-11 
_pdbx_database_status.deposit_site                    ? 
_pdbx_database_status.process_site                    BNL 
_pdbx_database_status.SG_entry                        . 
_pdbx_database_status.pdb_format_compatible           Y 
_pdbx_database_status.status_code_mr                  ? 
_pdbx_database_status.status_code_sf                  ? 
_pdbx_database_status.status_code_cs                  ? 
_pdbx_database_status.methods_development_category    ? 
_pdbx_database_status.status_code_nmr_data            ? 
# 
loop_
_audit_author.name 
_audit_author.pdbx_ordinal 
'Pieper, U.'   1 
'Herzberg, O.' 2 
# 
loop_
_citation.id 
_citation.title 
_citation.journal_abbrev 
_citation.journal_volume 
_citation.page_first 
_citation.page_last 
_citation.year 
_citation.journal_id_ASTM 
_citation.country 
_citation.journal_id_ISSN 
_citation.journal_id_CSD 
_citation.book_publisher 
_citation.pdbx_database_id_PubMed 
_citation.pdbx_database_id_DOI 
primary 
;Structural evidence for the evolutionary divergence of mycoplasma from gram-positive bacteria: the histidine-containing phosphocarrier protein.
;
Structure              3  781  790 1995 STRUE6 UK 0969-2126 2005 ? 7582895 '10.1016/S0969-2126(01)00213-1' 
1       'Refined Structures of the Active Ser83->Cys and Impaired Ser46->Asp Histidine Containing Phosphocarrier Proteins' 
Structure              2  1204 ?   1994 STRUE6 UK 0969-2126 2005 ? ?       ?                               
2       'Structure of the Histidine-Containing Phosphocarrier Protein Hpr from Bacillus Subtilis at 2.0-Angstroms Resolution' 
Proc.Natl.Acad.Sci.USA 89 2499 ?   1992 PNASA6 US 0027-8424 0040 ? ?       ?                               
# 
loop_
_citation_author.citation_id 
_citation_author.name 
_citation_author.ordinal 
_citation_author.identifier_ORCID 
primary 'Pieper, U.'         1  ? 
primary 'Kapadia, G.'        2  ? 
primary 'Zhu, P.P.'          3  ? 
primary 'Peterkofsky, A.'    4  ? 
primary 'Herzberg, O.'       5  ? 
1       'Liao, D.-I.'        6  ? 
1       'Herzberg, O.'       7  ? 
2       'Herzberg, O.'       8  ? 
2       'Reddy, P.'          9  ? 
2       'Sutrina, S.'        10 ? 
2       'Saier Junior, M.H.' 11 ? 
2       'Reizer, J.'         12 ? 
2       'Kapadia, G.'        13 ? 
# 
loop_
_entity.id 
_entity.type 
_entity.src_method 
_entity.pdbx_description 
_entity.formula_weight 
_entity.pdbx_number_of_molecules 
_entity.pdbx_ec 
_entity.pdbx_mutation 
_entity.pdbx_fragment 
_entity.details 
1 polymer     man 'PHOSPHOCARRIER PROTEIN' 9296.718 1  ? ? ? ? 
2 non-polymer syn 'SULFATE ION'            96.063   1  ? ? ? ? 
3 water       nat water                    18.015   60 ? ? ? ? 
# 
_entity_name_com.entity_id   1 
_entity_name_com.name        'HPR, HISTIDINE-CONTAINING PROTEIN' 
# 
_entity_poly.entity_id                      1 
_entity_poly.type                           'polypeptide(L)' 
_entity_poly.nstd_linkage                   no 
_entity_poly.nstd_monomer                   no 
_entity_poly.pdbx_seq_one_letter_code       
;AKFSAIITDKVGLHARPASVLAKEASKFSSNITIIANEKQGNLKSIMNVMAMAIKTGTEITIQADGNDADQAIQAIKQTM
IDTALIQG
;
_entity_poly.pdbx_seq_one_letter_code_can   
;AKFSAIITDKVGLHARPASVLAKEASKFSSNITIIANEKQGNLKSIMNVMAMAIKTGTEITIQADGNDADQAIQAIKQTM
IDTALIQG
;
_entity_poly.pdbx_strand_id                 A 
_entity_poly.pdbx_target_identifier         ? 
# 
loop_
_pdbx_entity_nonpoly.entity_id 
_pdbx_entity_nonpoly.name 
_pdbx_entity_nonpoly.comp_id 
2 'SULFATE ION' SO4 
3 water         HOH 
# 
loop_
_entity_poly_seq.entity_id 
_entity_poly_seq.num 
_entity_poly_seq.mon_id 
_entity_poly_seq.hetero 
1 1  ALA n 
1 2  LYS n 
1 3  PHE n 
1 4  SER n 
1 5  ALA n 
1 6  ILE n 
1 7  ILE n 
1 8  THR n 
1 9  ASP n 
1 10 LYS n 
1 11 VAL n 
1 12 GLY n 
1 13 LEU n 
1 14 HIS n 
1 15 ALA n 
1 16 ARG n 
1 17 PRO n 
1 18 ALA n 
1 19 SER n 
1 20 VAL n 
1 21 LEU n 
1 22 ALA n 
1 23 LYS n 
1 24 GLU n 
1 25 ALA n 
1 26 SER n 
1 27 LYS n 
1 28 PHE n 
1 29 SER n 
1 30 SER n 
1 31 ASN n 
1 32 ILE n 
1 33 THR n 
1 34 ILE n 
1 35 ILE n 
1 36 ALA n 
1 37 ASN n 
1 38 GLU n 
1 39 LYS n 
1 40 GLN n 
1 41 GLY n 
1 42 ASN n 
1 43 LEU n 
1 44 LYS n 
1 45 SER n 
1 46 ILE n 
1 47 MET n 
1 48 ASN n 
1 49 VAL n 
1 50 MET n 
1 51 ALA n 
1 52 MET n 
1 53 ALA n 
1 54 ILE n 
1 55 LYS n 
1 56 THR n 
1 57 GLY n 
1 58 THR n 
1 59 GLU n 
1 60 ILE n 
1 61 THR n 
1 62 ILE n 
1 63 GLN n 
1 64 ALA n 
1 65 ASP n 
1 66 GLY n 
1 67 ASN n 
1 68 ASP n 
1 69 ALA n 
1 70 ASP n 
1 71 GLN n 
1 72 ALA n 
1 73 ILE n 
1 74 GLN n 
1 75 ALA n 
1 76 ILE n 
1 77 LYS n 
1 78 GLN n 
1 79 THR n 
1 80 MET n 
1 81 ILE n 
1 82 ASP n 
1 83 THR n 
1 84 ALA n 
1 85 LEU n 
1 86 ILE n 
1 87 GLN n 
1 88 GLY n 
# 
_entity_src_gen.entity_id                          1 
_entity_src_gen.pdbx_src_id                        1 
_entity_src_gen.pdbx_alt_source_flag               sample 
_entity_src_gen.pdbx_seq_type                      ? 
_entity_src_gen.pdbx_beg_seq_num                   ? 
_entity_src_gen.pdbx_end_seq_num                   ? 
_entity_src_gen.gene_src_common_name               ? 
_entity_src_gen.gene_src_genus                     Mycoplasma 
_entity_src_gen.pdbx_gene_src_gene                 PTSH 
_entity_src_gen.gene_src_species                   ? 
_entity_src_gen.gene_src_strain                    ? 
_entity_src_gen.gene_src_tissue                    ? 
_entity_src_gen.gene_src_tissue_fraction           ? 
_entity_src_gen.gene_src_details                   ? 
_entity_src_gen.pdbx_gene_src_fragment             ? 
_entity_src_gen.pdbx_gene_src_scientific_name      'Mycoplasma capricolum' 
_entity_src_gen.pdbx_gene_src_ncbi_taxonomy_id     2095 
_entity_src_gen.pdbx_gene_src_variant              ? 
_entity_src_gen.pdbx_gene_src_cell_line            ? 
_entity_src_gen.pdbx_gene_src_atcc                 ? 
_entity_src_gen.pdbx_gene_src_organ                ? 
_entity_src_gen.pdbx_gene_src_organelle            ? 
_entity_src_gen.pdbx_gene_src_cell                 ? 
_entity_src_gen.pdbx_gene_src_cellular_location    ? 
_entity_src_gen.host_org_common_name               ? 
_entity_src_gen.pdbx_host_org_scientific_name      'Escherichia coli' 
_entity_src_gen.pdbx_host_org_ncbi_taxonomy_id     562 
_entity_src_gen.host_org_genus                     Escherichia 
_entity_src_gen.pdbx_host_org_gene                 PTSH 
_entity_src_gen.pdbx_host_org_organ                ? 
_entity_src_gen.host_org_species                   ? 
_entity_src_gen.pdbx_host_org_tissue               ? 
_entity_src_gen.pdbx_host_org_tissue_fraction      ? 
_entity_src_gen.pdbx_host_org_strain               ? 
_entity_src_gen.pdbx_host_org_variant              ? 
_entity_src_gen.pdbx_host_org_cell_line            ? 
_entity_src_gen.pdbx_host_org_atcc                 ? 
_entity_src_gen.pdbx_host_org_culture_collection   ? 
_entity_src_gen.pdbx_host_org_cell                 ? 
_entity_src_gen.pdbx_host_org_organelle            ? 
_entity_src_gen.pdbx_host_org_cellular_location    ? 
_entity_src_gen.pdbx_host_org_vector_type          ? 
_entity_src_gen.pdbx_host_org_vector               ? 
_entity_src_gen.host_org_details                   ? 
_entity_src_gen.expression_system_id               ? 
_entity_src_gen.plasmid_name                       PRE1 
_entity_src_gen.plasmid_details                    ? 
_entity_src_gen.pdbx_description                   ? 
# 
loop_
_chem_comp.id 
_chem_comp.type 
_chem_comp.mon_nstd_flag 
_chem_comp.name 
_chem_comp.pdbx_synonyms 
_chem_comp.formula 
_chem_comp.formula_weight 
ALA 'L-peptide linking' y ALANINE         ? 'C3 H7 N O2'     89.093  
ARG 'L-peptide linking' y ARGININE        ? 'C6 H15 N4 O2 1' 175.209 
ASN 'L-peptide linking' y ASPARAGINE      ? 'C4 H8 N2 O3'    132.118 
ASP 'L-peptide linking' y 'ASPARTIC ACID' ? 'C4 H7 N O4'     133.103 
GLN 'L-peptide linking' y GLUTAMINE       ? 'C5 H10 N2 O3'   146.144 
GLU 'L-peptide linking' y 'GLUTAMIC ACID' ? 'C5 H9 N O4'     147.129 
GLY 'peptide linking'   y GLYCINE         ? 'C2 H5 N O2'     75.067  
HIS 'L-peptide linking' y HISTIDINE       ? 'C6 H10 N3 O2 1' 156.162 
HOH non-polymer         . WATER           ? 'H2 O'           18.015  
ILE 'L-peptide linking' y ISOLEUCINE      ? 'C6 H13 N O2'    131.173 
LEU 'L-peptide linking' y LEUCINE         ? 'C6 H13 N O2'    131.173 
LYS 'L-peptide linking' y LYSINE          ? 'C6 H15 N2 O2 1' 147.195 
MET 'L-peptide linking' y METHIONINE      ? 'C5 H11 N O2 S'  149.211 
PHE 'L-peptide linking' y PHENYLALANINE   ? 'C9 H11 N O2'    165.189 
PRO 'L-peptide linking' y PROLINE         ? 'C5 H9 N O2'     115.130 
SER 'L-peptide linking' y SERINE          ? 'C3 H7 N O3'     105.093 
SO4 non-polymer         . 'SULFATE ION'   ? 'O4 S -2'        96.063  
THR 'L-peptide linking' y THREONINE       ? 'C4 H9 N O3'     119.119 
VAL 'L-peptide linking' y VALINE          ? 'C5 H11 N O2'    117.146 
# 
loop_
_pdbx_poly_seq_scheme.asym_id 
_pdbx_poly_seq_scheme.entity_id 
_pdbx_poly_seq_scheme.seq_id 
_pdbx_poly_seq_scheme.mon_id 
_pdbx_poly_seq_scheme.ndb_seq_num 
_pdbx_poly_seq_scheme.pdb_seq_num 
_pdbx_poly_seq_scheme.auth_seq_num 
_pdbx_poly_seq_scheme.pdb_mon_id 
_pdbx_poly_seq_scheme.auth_mon_id 
_pdbx_poly_seq_scheme.pdb_strand_id 
_pdbx_poly_seq_scheme.pdb_ins_code 
_pdbx_poly_seq_scheme.hetero 
A 1 1  ALA 1  2  2  ALA ALA A . n 
A 1 2  LYS 2  3  3  LYS LYS A . n 
A 1 3  PHE 3  4  4  PHE PHE A . n 
A 1 4  SER 4  5  5  SER SER A . n 
A 1 5  ALA 5  6  6  ALA ALA A . n 
A 1 6  ILE 6  7  7  ILE ILE A . n 
A 1 7  ILE 7  8  8  ILE ILE A . n 
A 1 8  THR 8  9  9  THR THR A . n 
A 1 9  ASP 9  10 10 ASP ASP A . n 
A 1 10 LYS 10 11 11 LYS LYS A . n 
A 1 11 VAL 11 12 12 VAL VAL A . n 
A 1 12 GLY 12 13 13 GLY GLY A . n 
A 1 13 LEU 13 14 14 LEU LEU A . n 
A 1 14 HIS 14 15 15 HIS HIS A . n 
A 1 15 ALA 15 16 16 ALA ALA A . n 
A 1 16 ARG 16 17 17 ARG ARG A . n 
A 1 17 PRO 17 18 18 PRO PRO A . n 
A 1 18 ALA 18 19 19 ALA ALA A . n 
A 1 19 SER 19 20 20 SER SER A . n 
A 1 20 VAL 20 21 21 VAL VAL A . n 
A 1 21 LEU 21 22 22 LEU LEU A . n 
A 1 22 ALA 22 23 23 ALA ALA A . n 
A 1 23 LYS 23 24 24 LYS LYS A . n 
A 1 24 GLU 24 25 25 GLU GLU A . n 
A 1 25 ALA 25 26 26 ALA ALA A . n 
A 1 26 SER 26 27 27 SER SER A . n 
A 1 27 LYS 27 28 28 LYS LYS A . n 
A 1 28 PHE 28 29 29 PHE PHE A . n 
A 1 29 SER 29 30 30 SER SER A . n 
A 1 30 SER 30 31 31 SER SER A . n 
A 1 31 ASN 31 32 32 ASN ASN A . n 
A 1 32 ILE 32 33 33 ILE ILE A . n 
A 1 33 THR 33 34 34 THR THR A . n 
A 1 34 ILE 34 35 35 ILE ILE A . n 
A 1 35 ILE 35 36 36 ILE ILE A . n 
A 1 36 ALA 36 37 37 ALA ALA A . n 
A 1 37 ASN 37 38 38 ASN ASN A . n 
A 1 38 GLU 38 39 39 GLU GLU A . n 
A 1 39 LYS 39 40 40 LYS LYS A . n 
A 1 40 GLN 40 41 41 GLN GLN A . n 
A 1 41 GLY 41 42 42 GLY GLY A . n 
A 1 42 ASN 42 43 43 ASN ASN A . n 
A 1 43 LEU 43 44 44 LEU LEU A . n 
A 1 44 LYS 44 45 45 LYS LYS A . n 
A 1 45 SER 45 46 46 SER SER A . n 
A 1 46 ILE 46 47 47 ILE ILE A . n 
A 1 47 MET 47 48 48 MET MET A . n 
A 1 48 ASN 48 49 49 ASN ASN A . n 
A 1 49 VAL 49 50 50 VAL VAL A . n 
A 1 50 MET 50 51 51 MET MET A . n 
A 1 51 ALA 51 52 52 ALA ALA A . n 
A 1 52 MET 52 53 53 MET MET A . n 
A 1 53 ALA 53 54 54 ALA ALA A . n 
A 1 54 ILE 54 55 55 ILE ILE A . n 
A 1 55 LYS 55 56 56 LYS LYS A . n 
A 1 56 THR 56 57 57 THR THR A . n 
A 1 57 GLY 57 58 58 GLY GLY A . n 
A 1 58 THR 58 59 59 THR THR A . n 
A 1 59 GLU 59 60 60 GLU GLU A . n 
A 1 60 ILE 60 61 61 ILE ILE A . n 
A 1 61 THR 61 62 62 THR THR A . n 
A 1 62 ILE 62 63 63 ILE ILE A . n 
A 1 63 GLN 63 64 64 GLN GLN A . n 
A 1 64 ALA 64 65 65 ALA ALA A . n 
A 1 65 ASP 65 66 66 ASP ASP A . n 
A 1 66 GLY 66 67 67 GLY GLY A . n 
A 1 67 ASN 67 68 68 ASN ASN A . n 
A 1 68 ASP 68 69 69 ASP ASP A . n 
A 1 69 ALA 69 70 70 ALA ALA A . n 
A 1 70 ASP 70 71 71 ASP ASP A . n 
A 1 71 GLN 71 72 72 GLN GLN A . n 
A 1 72 ALA 72 73 73 ALA ALA A . n 
A 1 73 ILE 73 74 74 ILE ILE A . n 
A 1 74 GLN 74 75 75 GLN GLN A . n 
A 1 75 ALA 75 76 76 ALA ALA A . n 
A 1 76 ILE 76 77 77 ILE ILE A . n 
A 1 77 LYS 77 78 78 LYS LYS A . n 
A 1 78 GLN 78 79 79 GLN GLN A . n 
A 1 79 THR 79 80 80 THR THR A . n 
A 1 80 MET 80 81 81 MET MET A . n 
A 1 81 ILE 81 82 82 ILE ILE A . n 
A 1 82 ASP 82 83 83 ASP ASP A . n 
A 1 83 THR 83 84 84 THR THR A . n 
A 1 84 ALA 84 85 85 ALA ALA A . n 
A 1 85 LEU 85 86 86 LEU LEU A . n 
A 1 86 ILE 86 87 87 ILE ILE A . n 
A 1 87 GLN 87 88 88 GLN GLN A . n 
A 1 88 GLY 88 89 89 GLY GLY A . n 
# 
loop_
_pdbx_nonpoly_scheme.asym_id 
_pdbx_nonpoly_scheme.entity_id 
_pdbx_nonpoly_scheme.mon_id 
_pdbx_nonpoly_scheme.ndb_seq_num 
_pdbx_nonpoly_scheme.pdb_seq_num 
_pdbx_nonpoly_scheme.auth_seq_num 
_pdbx_nonpoly_scheme.pdb_mon_id 
_pdbx_nonpoly_scheme.auth_mon_id 
_pdbx_nonpoly_scheme.pdb_strand_id 
_pdbx_nonpoly_scheme.pdb_ins_code 
B 2 SO4 1  90  90  SO4 SO4 A . 
C 3 HOH 1  101 101 HOH HOH A . 
C 3 HOH 2  102 102 HOH HOH A . 
C 3 HOH 3  103 103 HOH HOH A . 
C 3 HOH 4  104 104 HOH HOH A . 
C 3 HOH 5  105 105 HOH HOH A . 
C 3 HOH 6  106 106 HOH HOH A . 
C 3 HOH 7  107 107 HOH HOH A . 
C 3 HOH 8  108 108 HOH HOH A . 
C 3 HOH 9  109 109 HOH HOH A . 
C 3 HOH 10 110 110 HOH HOH A . 
C 3 HOH 11 111 111 HOH HOH A . 
C 3 HOH 12 112 112 HOH HOH A . 
C 3 HOH 13 113 113 HOH HOH A . 
C 3 HOH 14 114 114 HOH HOH A . 
C 3 HOH 15 115 115 HOH HOH A . 
C 3 HOH 16 116 116 HOH HOH A . 
C 3 HOH 17 117 117 HOH HOH A . 
C 3 HOH 18 118 118 HOH HOH A . 
C 3 HOH 19 119 119 HOH HOH A . 
C 3 HOH 20 120 120 HOH HOH A . 
C 3 HOH 21 121 121 HOH HOH A . 
C 3 HOH 22 122 122 HOH HOH A . 
C 3 HOH 23 123 123 HOH HOH A . 
C 3 HOH 24 124 124 HOH HOH A . 
C 3 HOH 25 125 125 HOH HOH A . 
C 3 HOH 26 126 126 HOH HOH A . 
C 3 HOH 27 127 127 HOH HOH A . 
C 3 HOH 28 128 128 HOH HOH A . 
C 3 HOH 29 129 129 HOH HOH A . 
C 3 HOH 30 130 130 HOH HOH A . 
C 3 HOH 31 131 131 HOH HOH A . 
C 3 HOH 32 132 132 HOH HOH A . 
C 3 HOH 33 133 133 HOH HOH A . 
C 3 HOH 34 134 134 HOH HOH A . 
C 3 HOH 35 135 135 HOH HOH A . 
C 3 HOH 36 136 136 HOH HOH A . 
C 3 HOH 37 137 137 HOH HOH A . 
C 3 HOH 38 138 138 HOH HOH A . 
C 3 HOH 39 139 139 HOH HOH A . 
C 3 HOH 40 140 140 HOH HOH A . 
C 3 HOH 41 141 141 HOH HOH A . 
C 3 HOH 42 142 142 HOH HOH A . 
C 3 HOH 43 143 143 HOH HOH A . 
C 3 HOH 44 144 144 HOH HOH A . 
C 3 HOH 45 145 145 HOH HOH A . 
C 3 HOH 46 146 146 HOH HOH A . 
C 3 HOH 47 147 147 HOH HOH A . 
C 3 HOH 48 148 148 HOH HOH A . 
C 3 HOH 49 149 149 HOH HOH A . 
C 3 HOH 50 150 150 HOH HOH A . 
C 3 HOH 51 151 151 HOH HOH A . 
C 3 HOH 52 152 152 HOH HOH A . 
C 3 HOH 53 153 153 HOH HOH A . 
C 3 HOH 54 154 154 HOH HOH A . 
C 3 HOH 55 155 155 HOH HOH A . 
C 3 HOH 56 156 156 HOH HOH A . 
C 3 HOH 57 157 157 HOH HOH A . 
C 3 HOH 58 158 158 HOH HOH A . 
C 3 HOH 59 159 159 HOH HOH A . 
C 3 HOH 60 160 160 HOH HOH A . 
# 
loop_
_pdbx_unobs_or_zero_occ_atoms.id 
_pdbx_unobs_or_zero_occ_atoms.PDB_model_num 
_pdbx_unobs_or_zero_occ_atoms.polymer_flag 
_pdbx_unobs_or_zero_occ_atoms.occupancy_flag 
_pdbx_unobs_or_zero_occ_atoms.auth_asym_id 
_pdbx_unobs_or_zero_occ_atoms.auth_comp_id 
_pdbx_unobs_or_zero_occ_atoms.auth_seq_id 
_pdbx_unobs_or_zero_occ_atoms.PDB_ins_code 
_pdbx_unobs_or_zero_occ_atoms.auth_atom_id 
_pdbx_unobs_or_zero_occ_atoms.label_alt_id 
_pdbx_unobs_or_zero_occ_atoms.label_asym_id 
_pdbx_unobs_or_zero_occ_atoms.label_comp_id 
_pdbx_unobs_or_zero_occ_atoms.label_seq_id 
_pdbx_unobs_or_zero_occ_atoms.label_atom_id 
1 1 Y 1 A ARG 17 ? NE  ? A ARG 16 NE  
2 1 Y 1 A ARG 17 ? CZ  ? A ARG 16 CZ  
3 1 Y 1 A ARG 17 ? NH1 ? A ARG 16 NH1 
4 1 Y 1 A ARG 17 ? NH2 ? A ARG 16 NH2 
# 
loop_
_software.name 
_software.classification 
_software.version 
_software.citation_id 
_software.pdbx_ordinal 
SHELXL-93 'model building' .   ? 1 
X-PLOR    'model building' 3.1 ? 2 
SHELXL-93 refinement       .   ? 3 
X-PLOR    refinement       3.1 ? 4 
XENGEN    'data reduction' .   ? 5 
SHELXL-93 phasing          .   ? 6 
X-PLOR    phasing          3.1 ? 7 
# 
_cell.entry_id           1PCH 
_cell.length_a           32.200 
_cell.length_b           42.200 
_cell.length_c           52.400 
_cell.angle_alpha        90.00 
_cell.angle_beta         90.00 
_cell.angle_gamma        90.00 
_cell.Z_PDB              4 
_cell.pdbx_unique_axis   ? 
# 
_symmetry.entry_id                         1PCH 
_symmetry.space_group_name_H-M             'P 21 21 21' 
_symmetry.pdbx_full_space_group_name_H-M   ? 
_symmetry.cell_setting                     ? 
_symmetry.Int_Tables_number                19 
# 
_exptl.entry_id          1PCH 
_exptl.method            'X-RAY DIFFRACTION' 
_exptl.crystals_number   1 
# 
_exptl_crystal.id                    1 
_exptl_crystal.density_meas          ? 
_exptl_crystal.density_Matthews      1.91 
_exptl_crystal.density_percent_sol   35.75 
_exptl_crystal.description           ? 
# 
_diffrn.id                     1 
_diffrn.ambient_temp           ? 
_diffrn.ambient_temp_details   ? 
_diffrn.crystal_id             1 
# 
_diffrn_detector.diffrn_id              1 
_diffrn_detector.detector               'AREA DETECTOR' 
_diffrn_detector.type                   SIEMENS 
_diffrn_detector.pdbx_collection_date   1994-05-17 
_diffrn_detector.details                ? 
# 
_diffrn_radiation.diffrn_id                        1 
_diffrn_radiation.wavelength_id                    1 
_diffrn_radiation.pdbx_monochromatic_or_laue_m_l   M 
_diffrn_radiation.monochromator                    ? 
_diffrn_radiation.pdbx_diffrn_protocol             ? 
_diffrn_radiation.pdbx_scattering_type             x-ray 
# 
_diffrn_radiation_wavelength.id           1 
_diffrn_radiation_wavelength.wavelength   1.5418 
_diffrn_radiation_wavelength.wt           1.0 
# 
_diffrn_source.diffrn_id                   1 
_diffrn_source.source                      ? 
_diffrn_source.type                        ? 
_diffrn_source.pdbx_synchrotron_site       ? 
_diffrn_source.pdbx_synchrotron_beamline   ? 
_diffrn_source.pdbx_wavelength             ? 
_diffrn_source.pdbx_wavelength_list        1.5418 
# 
_reflns.entry_id                     1PCH 
_reflns.observed_criterion_sigma_I   0.0 
_reflns.observed_criterion_sigma_F   ? 
_reflns.d_resolution_low             15.0 
_reflns.d_resolution_high            1.80 
_reflns.number_obs                   6562 
_reflns.number_all                   ? 
_reflns.percent_possible_obs         94. 
_reflns.pdbx_Rmerge_I_obs            0.045 
_reflns.pdbx_Rsym_value              ? 
_reflns.pdbx_netI_over_sigmaI        ? 
_reflns.B_iso_Wilson_estimate        ? 
_reflns.pdbx_redundancy              2.8 
_reflns.pdbx_diffrn_id               1 
_reflns.pdbx_ordinal                 1 
# 
_refine.entry_id                                 1PCH 
_refine.ls_number_reflns_obs                     6562 
_refine.ls_number_reflns_all                     ? 
_refine.pdbx_ls_sigma_I                          ? 
_refine.pdbx_ls_sigma_F                          0.0 
_refine.pdbx_data_cutoff_high_absF               ? 
_refine.pdbx_data_cutoff_low_absF                ? 
_refine.pdbx_data_cutoff_high_rms_absF           ? 
_refine.ls_d_res_low                             15.0 
_refine.ls_d_res_high                            1.8 
_refine.ls_percent_reflns_obs                    94. 
_refine.ls_R_factor_obs                          0.170 
_refine.ls_R_factor_all                          ? 
_refine.ls_R_factor_R_work                       0.170 
_refine.ls_R_factor_R_free                       ? 
_refine.ls_R_factor_R_free_error                 ? 
_refine.ls_R_factor_R_free_error_details         ? 
_refine.ls_percent_reflns_R_free                 ? 
_refine.ls_number_reflns_R_free                  ? 
_refine.ls_number_parameters                     ? 
_refine.ls_number_restraints                     ? 
_refine.occupancy_min                            ? 
_refine.occupancy_max                            ? 
_refine.B_iso_mean                               ? 
_refine.aniso_B[1][1]                            ? 
_refine.aniso_B[2][2]                            ? 
_refine.aniso_B[3][3]                            ? 
_refine.aniso_B[1][2]                            ? 
_refine.aniso_B[1][3]                            ? 
_refine.aniso_B[2][3]                            ? 
_refine.solvent_model_details                    ? 
_refine.solvent_model_param_ksol                 ? 
_refine.solvent_model_param_bsol                 ? 
_refine.pdbx_ls_cross_valid_method               ? 
_refine.details                                  
;TWO ALTERNATE CONFORMATIONS HAVE BEEN REFINED FOR THE SIDE
CHAIN OF MET 51 WITH OCCUPANCIES OF 0.6 AND 0.4,
RESPECTIVELY.
;
_refine.pdbx_starting_model                      ? 
_refine.pdbx_method_to_determine_struct          ? 
_refine.pdbx_isotropic_thermal_model             ? 
_refine.pdbx_stereochemistry_target_values       ? 
_refine.pdbx_stereochem_target_val_spec_case     ? 
_refine.pdbx_R_Free_selection_details            ? 
_refine.pdbx_overall_ESU_R                       ? 
_refine.pdbx_overall_ESU_R_Free                  ? 
_refine.overall_SU_ML                            ? 
_refine.overall_SU_B                             ? 
_refine.pdbx_refine_id                           'X-RAY DIFFRACTION' 
_refine.pdbx_diffrn_id                           1 
_refine.pdbx_TLS_residual_ADP_flag               ? 
_refine.correlation_coeff_Fo_to_Fc               ? 
_refine.correlation_coeff_Fo_to_Fc_free          ? 
_refine.pdbx_solvent_vdw_probe_radii             ? 
_refine.pdbx_solvent_ion_probe_radii             ? 
_refine.pdbx_solvent_shrinkage_radii             ? 
_refine.pdbx_overall_phase_error                 ? 
_refine.overall_SU_R_Cruickshank_DPI             ? 
_refine.pdbx_overall_SU_R_free_Cruickshank_DPI   ? 
_refine.pdbx_overall_SU_R_Blow_DPI               ? 
_refine.pdbx_overall_SU_R_free_Blow_DPI          ? 
# 
_refine_hist.pdbx_refine_id                   'X-RAY DIFFRACTION' 
_refine_hist.cycle_id                         LAST 
_refine_hist.pdbx_number_atoms_protein        647 
_refine_hist.pdbx_number_atoms_nucleic_acid   0 
_refine_hist.pdbx_number_atoms_ligand         5 
_refine_hist.number_atoms_solvent             60 
_refine_hist.number_atoms_total               712 
_refine_hist.d_res_high                       1.8 
_refine_hist.d_res_low                        15.0 
# 
loop_
_refine_ls_restr.type 
_refine_ls_restr.dev_ideal 
_refine_ls_restr.dev_ideal_target 
_refine_ls_restr.weight 
_refine_ls_restr.number 
_refine_ls_restr.pdbx_refine_id 
_refine_ls_restr.pdbx_restraint_function 
x_bond_d                0.02 ? ? ? 'X-RAY DIFFRACTION' ? 
x_bond_d_na             ?    ? ? ? 'X-RAY DIFFRACTION' ? 
x_bond_d_prot           ?    ? ? ? 'X-RAY DIFFRACTION' ? 
x_angle_d               ?    ? ? ? 'X-RAY DIFFRACTION' ? 
x_angle_d_na            ?    ? ? ? 'X-RAY DIFFRACTION' ? 
x_angle_d_prot          ?    ? ? ? 'X-RAY DIFFRACTION' ? 
x_angle_deg             2.70 ? ? ? 'X-RAY DIFFRACTION' ? 
x_angle_deg_na          ?    ? ? ? 'X-RAY DIFFRACTION' ? 
x_angle_deg_prot        ?    ? ? ? 'X-RAY DIFFRACTION' ? 
x_dihedral_angle_d      25.5 ? ? ? 'X-RAY DIFFRACTION' ? 
x_dihedral_angle_d_na   ?    ? ? ? 'X-RAY DIFFRACTION' ? 
x_dihedral_angle_d_prot ?    ? ? ? 'X-RAY DIFFRACTION' ? 
x_improper_angle_d      2.5  ? ? ? 'X-RAY DIFFRACTION' ? 
x_improper_angle_d_na   ?    ? ? ? 'X-RAY DIFFRACTION' ? 
x_improper_angle_d_prot ?    ? ? ? 'X-RAY DIFFRACTION' ? 
x_mcbond_it             ?    ? ? ? 'X-RAY DIFFRACTION' ? 
x_mcangle_it            ?    ? ? ? 'X-RAY DIFFRACTION' ? 
x_scbond_it             ?    ? ? ? 'X-RAY DIFFRACTION' ? 
x_scangle_it            ?    ? ? ? 'X-RAY DIFFRACTION' ? 
# 
_struct.entry_id                  1PCH 
_struct.title                     
;STRUCTURAL EVIDENCE FOR THE EVOLUTIONARY DIVERGENCE OF MYCOPLASMA FROM GRAM-POSITIVE BACTERIA: THE HISTIDINE-CONTAINING PHOSPHOCARRIER PROTEIN
;
_struct.pdbx_model_details        ? 
_struct.pdbx_CASP_flag            ? 
_struct.pdbx_model_type_details   ? 
# 
_struct_keywords.entry_id        1PCH 
_struct_keywords.pdbx_keywords   PHOSPHOTRANSFERASE 
_struct_keywords.text            PHOSPHOTRANSFERASE 
# 
loop_
_struct_asym.id 
_struct_asym.pdbx_blank_PDB_chainid_flag 
_struct_asym.pdbx_modified 
_struct_asym.entity_id 
_struct_asym.details 
A N N 1 ? 
B N N 2 ? 
C N N 3 ? 
# 
_struct_ref.id                         1 
_struct_ref.db_name                    UNP 
_struct_ref.db_code                    PTHP_MYCCA 
_struct_ref.entity_id                  1 
_struct_ref.pdbx_db_accession          P45611 
_struct_ref.pdbx_align_begin           1 
_struct_ref.pdbx_seq_one_letter_code   
;AKFSAIITDKVGLHARPASVLAKEASKFSSNITIIANEKQGNLKSIMNVMAMAIKTGTEITIQADGNDADQAIQAIKQTM
IDTALIQG
;
_struct_ref.pdbx_db_isoform            ? 
# 
_struct_ref_seq.align_id                      1 
_struct_ref_seq.ref_id                        1 
_struct_ref_seq.pdbx_PDB_id_code              1PCH 
_struct_ref_seq.pdbx_strand_id                A 
_struct_ref_seq.seq_align_beg                 1 
_struct_ref_seq.pdbx_seq_align_beg_ins_code   ? 
_struct_ref_seq.seq_align_end                 88 
_struct_ref_seq.pdbx_seq_align_end_ins_code   ? 
_struct_ref_seq.pdbx_db_accession             P45611 
_struct_ref_seq.db_align_beg                  1 
_struct_ref_seq.pdbx_db_align_beg_ins_code    ? 
_struct_ref_seq.db_align_end                  88 
_struct_ref_seq.pdbx_db_align_end_ins_code    ? 
_struct_ref_seq.pdbx_auth_seq_align_beg       2 
_struct_ref_seq.pdbx_auth_seq_align_end       89 
# 
_pdbx_struct_assembly.id                   1 
_pdbx_struct_assembly.details              author_defined_assembly 
_pdbx_struct_assembly.method_details       ? 
_pdbx_struct_assembly.oligomeric_details   monomeric 
_pdbx_struct_assembly.oligomeric_count     1 
# 
_pdbx_struct_assembly_gen.assembly_id       1 
_pdbx_struct_assembly_gen.oper_expression   1 
_pdbx_struct_assembly_gen.asym_id_list      A,B,C 
# 
_pdbx_struct_oper_list.id                   1 
_pdbx_struct_oper_list.type                 'identity operation' 
_pdbx_struct_oper_list.name                 1_555 
_pdbx_struct_oper_list.symmetry_operation   x,y,z 
_pdbx_struct_oper_list.matrix[1][1]         1.0000000000 
_pdbx_struct_oper_list.matrix[1][2]         0.0000000000 
_pdbx_struct_oper_list.matrix[1][3]         0.0000000000 
_pdbx_struct_oper_list.vector[1]            0.0000000000 
_pdbx_struct_oper_list.matrix[2][1]         0.0000000000 
_pdbx_struct_oper_list.matrix[2][2]         1.0000000000 
_pdbx_struct_oper_list.matrix[2][3]         0.0000000000 
_pdbx_struct_oper_list.vector[2]            0.0000000000 
_pdbx_struct_oper_list.matrix[3][1]         0.0000000000 
_pdbx_struct_oper_list.matrix[3][2]         0.0000000000 
_pdbx_struct_oper_list.matrix[3][3]         1.0000000000 
_pdbx_struct_oper_list.vector[3]            0.0000000000 
# 
_struct_biol.id   1 
# 
loop_
_struct_conf.conf_type_id 
_struct_conf.id 
_struct_conf.pdbx_PDB_helix_id 
_struct_conf.beg_label_comp_id 
_struct_conf.beg_label_asym_id 
_struct_conf.beg_label_seq_id 
_struct_conf.pdbx_beg_PDB_ins_code 
_struct_conf.end_label_comp_id 
_struct_conf.end_label_asym_id 
_struct_conf.end_label_seq_id 
_struct_conf.pdbx_end_PDB_ins_code 
_struct_conf.beg_auth_comp_id 
_struct_conf.beg_auth_asym_id 
_struct_conf.beg_auth_seq_id 
_struct_conf.end_auth_comp_id 
_struct_conf.end_auth_asym_id 
_struct_conf.end_auth_seq_id 
_struct_conf.pdbx_PDB_helix_class 
_struct_conf.details 
_struct_conf.pdbx_PDB_helix_length 
HELX_P HELX_P1 1 ALA A 15 ? ALA A 25 ? ALA A 16 ALA A 26 1 ? 11 
HELX_P HELX_P2 2 ILE A 46 ? MET A 52 ? ILE A 47 MET A 53 1 ? 7  
HELX_P HELX_P3 3 ALA A 69 ? ASP A 82 ? ALA A 70 ASP A 83 1 ? 14 
# 
_struct_conf_type.id          HELX_P 
_struct_conf_type.criteria    ? 
_struct_conf_type.reference   ? 
# 
_struct_sheet.id               A 
_struct_sheet.type             ? 
_struct_sheet.number_strands   4 
_struct_sheet.details          ? 
# 
loop_
_struct_sheet_order.sheet_id 
_struct_sheet_order.range_id_1 
_struct_sheet_order.range_id_2 
_struct_sheet_order.offset 
_struct_sheet_order.sense 
A 1 2 ? anti-parallel 
A 2 3 ? anti-parallel 
A 3 4 ? anti-parallel 
# 
loop_
_struct_sheet_range.sheet_id 
_struct_sheet_range.id 
_struct_sheet_range.beg_label_comp_id 
_struct_sheet_range.beg_label_asym_id 
_struct_sheet_range.beg_label_seq_id 
_struct_sheet_range.pdbx_beg_PDB_ins_code 
_struct_sheet_range.end_label_comp_id 
_struct_sheet_range.end_label_asym_id 
_struct_sheet_range.end_label_seq_id 
_struct_sheet_range.pdbx_end_PDB_ins_code 
_struct_sheet_range.beg_auth_comp_id 
_struct_sheet_range.beg_auth_asym_id 
_struct_sheet_range.beg_auth_seq_id 
_struct_sheet_range.end_auth_comp_id 
_struct_sheet_range.end_auth_asym_id 
_struct_sheet_range.end_auth_seq_id 
A 1 LYS A 2  ? ILE A 6  ? LYS A 3  ILE A 7  
A 2 GLU A 59 ? ASP A 65 ? GLU A 60 ASP A 66 
A 3 ASN A 31 ? ALA A 36 ? ASN A 32 ALA A 37 
A 4 LYS A 39 ? ASN A 42 ? LYS A 40 ASN A 43 
# 
loop_
_pdbx_struct_sheet_hbond.sheet_id 
_pdbx_struct_sheet_hbond.range_id_1 
_pdbx_struct_sheet_hbond.range_id_2 
_pdbx_struct_sheet_hbond.range_1_label_atom_id 
_pdbx_struct_sheet_hbond.range_1_label_comp_id 
_pdbx_struct_sheet_hbond.range_1_label_asym_id 
_pdbx_struct_sheet_hbond.range_1_label_seq_id 
_pdbx_struct_sheet_hbond.range_1_PDB_ins_code 
_pdbx_struct_sheet_hbond.range_1_auth_atom_id 
_pdbx_struct_sheet_hbond.range_1_auth_comp_id 
_pdbx_struct_sheet_hbond.range_1_auth_asym_id 
_pdbx_struct_sheet_hbond.range_1_auth_seq_id 
_pdbx_struct_sheet_hbond.range_2_label_atom_id 
_pdbx_struct_sheet_hbond.range_2_label_comp_id 
_pdbx_struct_sheet_hbond.range_2_label_asym_id 
_pdbx_struct_sheet_hbond.range_2_label_seq_id 
_pdbx_struct_sheet_hbond.range_2_PDB_ins_code 
_pdbx_struct_sheet_hbond.range_2_auth_atom_id 
_pdbx_struct_sheet_hbond.range_2_auth_comp_id 
_pdbx_struct_sheet_hbond.range_2_auth_asym_id 
_pdbx_struct_sheet_hbond.range_2_auth_seq_id 
A 1 2 O PHE A 3  ? O PHE A 4  N ILE A 62 ? N ILE A 63 
A 2 3 O THR A 61 ? O THR A 62 N ILE A 35 ? N ILE A 36 
A 3 4 O ILE A 34 ? O ILE A 35 N GLY A 41 ? N GLY A 42 
# 
_struct_site.id                   AC1 
_struct_site.pdbx_evidence_code   Software 
_struct_site.pdbx_auth_asym_id    A 
_struct_site.pdbx_auth_comp_id    SO4 
_struct_site.pdbx_auth_seq_id     90 
_struct_site.pdbx_auth_ins_code   ? 
_struct_site.pdbx_num_residues    5 
_struct_site.details              'BINDING SITE FOR RESIDUE SO4 A 90' 
# 
loop_
_struct_site_gen.id 
_struct_site_gen.site_id 
_struct_site_gen.pdbx_num_res 
_struct_site_gen.label_comp_id 
_struct_site_gen.label_asym_id 
_struct_site_gen.label_seq_id 
_struct_site_gen.pdbx_auth_ins_code 
_struct_site_gen.auth_comp_id 
_struct_site_gen.auth_asym_id 
_struct_site_gen.auth_seq_id 
_struct_site_gen.label_atom_id 
_struct_site_gen.label_alt_id 
_struct_site_gen.symmetry 
_struct_site_gen.details 
1 AC1 5 LYS A 2  ? LYS A 3  . ? 3_645 ? 
2 AC1 5 LYS A 10 ? LYS A 11 . ? 3_545 ? 
3 AC1 5 SER A 45 ? SER A 46 . ? 1_555 ? 
4 AC1 5 ILE A 46 ? ILE A 47 . ? 1_555 ? 
5 AC1 5 MET A 47 ? MET A 48 . ? 1_555 ? 
# 
_pdbx_validate_torsion.id              1 
_pdbx_validate_torsion.PDB_model_num   1 
_pdbx_validate_torsion.auth_comp_id    ASN 
_pdbx_validate_torsion.auth_asym_id    A 
_pdbx_validate_torsion.auth_seq_id     38 
_pdbx_validate_torsion.PDB_ins_code    ? 
_pdbx_validate_torsion.label_alt_id    ? 
_pdbx_validate_torsion.phi             57.02 
_pdbx_validate_torsion.psi             -129.19 
# 
_pdbx_entry_details.entry_id                 1PCH 
_pdbx_entry_details.compound_details         ? 
_pdbx_entry_details.source_details           ? 
_pdbx_entry_details.nonpolymer_details       ? 
_pdbx_entry_details.sequence_details         'MET 1 WAS PROCESSED DURING THE EXPRESSION IN E. COLI.' 
_pdbx_entry_details.has_ligand_of_interest   ? 
# 
loop_
_chem_comp_atom.comp_id 
_chem_comp_atom.atom_id 
_chem_comp_atom.type_symbol 
_chem_comp_atom.pdbx_aromatic_flag 
_chem_comp_atom.pdbx_stereo_config 
_chem_comp_atom.pdbx_ordinal 
ALA N    N N N 1   
ALA CA   C N S 2   
ALA C    C N N 3   
ALA O    O N N 4   
ALA CB   C N N 5   
ALA OXT  O N N 6   
ALA H    H N N 7   
ALA H2   H N N 8   
ALA HA   H N N 9   
ALA HB1  H N N 10  
ALA HB2  H N N 11  
ALA HB3  H N N 12  
ALA HXT  H N N 13  
ARG N    N N N 14  
ARG CA   C N S 15  
ARG C    C N N 16  
ARG O    O N N 17  
ARG CB   C N N 18  
ARG CG   C N N 19  
ARG CD   C N N 20  
ARG NE   N N N 21  
ARG CZ   C N N 22  
ARG NH1  N N N 23  
ARG NH2  N N N 24  
ARG OXT  O N N 25  
ARG H    H N N 26  
ARG H2   H N N 27  
ARG HA   H N N 28  
ARG HB2  H N N 29  
ARG HB3  H N N 30  
ARG HG2  H N N 31  
ARG HG3  H N N 32  
ARG HD2  H N N 33  
ARG HD3  H N N 34  
ARG HE   H N N 35  
ARG HH11 H N N 36  
ARG HH12 H N N 37  
ARG HH21 H N N 38  
ARG HH22 H N N 39  
ARG HXT  H N N 40  
ASN N    N N N 41  
ASN CA   C N S 42  
ASN C    C N N 43  
ASN O    O N N 44  
ASN CB   C N N 45  
ASN CG   C N N 46  
ASN OD1  O N N 47  
ASN ND2  N N N 48  
ASN OXT  O N N 49  
ASN H    H N N 50  
ASN H2   H N N 51  
ASN HA   H N N 52  
ASN HB2  H N N 53  
ASN HB3  H N N 54  
ASN HD21 H N N 55  
ASN HD22 H N N 56  
ASN HXT  H N N 57  
ASP N    N N N 58  
ASP CA   C N S 59  
ASP C    C N N 60  
ASP O    O N N 61  
ASP CB   C N N 62  
ASP CG   C N N 63  
ASP OD1  O N N 64  
ASP OD2  O N N 65  
ASP OXT  O N N 66  
ASP H    H N N 67  
ASP H2   H N N 68  
ASP HA   H N N 69  
ASP HB2  H N N 70  
ASP HB3  H N N 71  
ASP HD2  H N N 72  
ASP HXT  H N N 73  
GLN N    N N N 74  
GLN CA   C N S 75  
GLN C    C N N 76  
GLN O    O N N 77  
GLN CB   C N N 78  
GLN CG   C N N 79  
GLN CD   C N N 80  
GLN OE1  O N N 81  
GLN NE2  N N N 82  
GLN OXT  O N N 83  
GLN H    H N N 84  
GLN H2   H N N 85  
GLN HA   H N N 86  
GLN HB2  H N N 87  
GLN HB3  H N N 88  
GLN HG2  H N N 89  
GLN HG3  H N N 90  
GLN HE21 H N N 91  
GLN HE22 H N N 92  
GLN HXT  H N N 93  
GLU N    N N N 94  
GLU CA   C N S 95  
GLU C    C N N 96  
GLU O    O N N 97  
GLU CB   C N N 98  
GLU CG   C N N 99  
GLU CD   C N N 100 
GLU OE1  O N N 101 
GLU OE2  O N N 102 
GLU OXT  O N N 103 
GLU H    H N N 104 
GLU H2   H N N 105 
GLU HA   H N N 106 
GLU HB2  H N N 107 
GLU HB3  H N N 108 
GLU HG2  H N N 109 
GLU HG3  H N N 110 
GLU HE2  H N N 111 
GLU HXT  H N N 112 
GLY N    N N N 113 
GLY CA   C N N 114 
GLY C    C N N 115 
GLY O    O N N 116 
GLY OXT  O N N 117 
GLY H    H N N 118 
GLY H2   H N N 119 
GLY HA2  H N N 120 
GLY HA3  H N N 121 
GLY HXT  H N N 122 
HIS N    N N N 123 
HIS CA   C N S 124 
HIS C    C N N 125 
HIS O    O N N 126 
HIS CB   C N N 127 
HIS CG   C Y N 128 
HIS ND1  N Y N 129 
HIS CD2  C Y N 130 
HIS CE1  C Y N 131 
HIS NE2  N Y N 132 
HIS OXT  O N N 133 
HIS H    H N N 134 
HIS H2   H N N 135 
HIS HA   H N N 136 
HIS HB2  H N N 137 
HIS HB3  H N N 138 
HIS HD1  H N N 139 
HIS HD2  H N N 140 
HIS HE1  H N N 141 
HIS HE2  H N N 142 
HIS HXT  H N N 143 
HOH O    O N N 144 
HOH H1   H N N 145 
HOH H2   H N N 146 
ILE N    N N N 147 
ILE CA   C N S 148 
ILE C    C N N 149 
ILE O    O N N 150 
ILE CB   C N S 151 
ILE CG1  C N N 152 
ILE CG2  C N N 153 
ILE CD1  C N N 154 
ILE OXT  O N N 155 
ILE H    H N N 156 
ILE H2   H N N 157 
ILE HA   H N N 158 
ILE HB   H N N 159 
ILE HG12 H N N 160 
ILE HG13 H N N 161 
ILE HG21 H N N 162 
ILE HG22 H N N 163 
ILE HG23 H N N 164 
ILE HD11 H N N 165 
ILE HD12 H N N 166 
ILE HD13 H N N 167 
ILE HXT  H N N 168 
LEU N    N N N 169 
LEU CA   C N S 170 
LEU C    C N N 171 
LEU O    O N N 172 
LEU CB   C N N 173 
LEU CG   C N N 174 
LEU CD1  C N N 175 
LEU CD2  C N N 176 
LEU OXT  O N N 177 
LEU H    H N N 178 
LEU H2   H N N 179 
LEU HA   H N N 180 
LEU HB2  H N N 181 
LEU HB3  H N N 182 
LEU HG   H N N 183 
LEU HD11 H N N 184 
LEU HD12 H N N 185 
LEU HD13 H N N 186 
LEU HD21 H N N 187 
LEU HD22 H N N 188 
LEU HD23 H N N 189 
LEU HXT  H N N 190 
LYS N    N N N 191 
LYS CA   C N S 192 
LYS C    C N N 193 
LYS O    O N N 194 
LYS CB   C N N 195 
LYS CG   C N N 196 
LYS CD   C N N 197 
LYS CE   C N N 198 
LYS NZ   N N N 199 
LYS OXT  O N N 200 
LYS H    H N N 201 
LYS H2   H N N 202 
LYS HA   H N N 203 
LYS HB2  H N N 204 
LYS HB3  H N N 205 
LYS HG2  H N N 206 
LYS HG3  H N N 207 
LYS HD2  H N N 208 
LYS HD3  H N N 209 
LYS HE2  H N N 210 
LYS HE3  H N N 211 
LYS HZ1  H N N 212 
LYS HZ2  H N N 213 
LYS HZ3  H N N 214 
LYS HXT  H N N 215 
MET N    N N N 216 
MET CA   C N S 217 
MET C    C N N 218 
MET O    O N N 219 
MET CB   C N N 220 
MET CG   C N N 221 
MET SD   S N N 222 
MET CE   C N N 223 
MET OXT  O N N 224 
MET H    H N N 225 
MET H2   H N N 226 
MET HA   H N N 227 
MET HB2  H N N 228 
MET HB3  H N N 229 
MET HG2  H N N 230 
MET HG3  H N N 231 
MET HE1  H N N 232 
MET HE2  H N N 233 
MET HE3  H N N 234 
MET HXT  H N N 235 
PHE N    N N N 236 
PHE CA   C N S 237 
PHE C    C N N 238 
PHE O    O N N 239 
PHE CB   C N N 240 
PHE CG   C Y N 241 
PHE CD1  C Y N 242 
PHE CD2  C Y N 243 
PHE CE1  C Y N 244 
PHE CE2  C Y N 245 
PHE CZ   C Y N 246 
PHE OXT  O N N 247 
PHE H    H N N 248 
PHE H2   H N N 249 
PHE HA   H N N 250 
PHE HB2  H N N 251 
PHE HB3  H N N 252 
PHE HD1  H N N 253 
PHE HD2  H N N 254 
PHE HE1  H N N 255 
PHE HE2  H N N 256 
PHE HZ   H N N 257 
PHE HXT  H N N 258 
PRO N    N N N 259 
PRO CA   C N S 260 
PRO C    C N N 261 
PRO O    O N N 262 
PRO CB   C N N 263 
PRO CG   C N N 264 
PRO CD   C N N 265 
PRO OXT  O N N 266 
PRO H    H N N 267 
PRO HA   H N N 268 
PRO HB2  H N N 269 
PRO HB3  H N N 270 
PRO HG2  H N N 271 
PRO HG3  H N N 272 
PRO HD2  H N N 273 
PRO HD3  H N N 274 
PRO HXT  H N N 275 
SER N    N N N 276 
SER CA   C N S 277 
SER C    C N N 278 
SER O    O N N 279 
SER CB   C N N 280 
SER OG   O N N 281 
SER OXT  O N N 282 
SER H    H N N 283 
SER H2   H N N 284 
SER HA   H N N 285 
SER HB2  H N N 286 
SER HB3  H N N 287 
SER HG   H N N 288 
SER HXT  H N N 289 
SO4 S    S N N 290 
SO4 O1   O N N 291 
SO4 O2   O N N 292 
SO4 O3   O N N 293 
SO4 O4   O N N 294 
THR N    N N N 295 
THR CA   C N S 296 
THR C    C N N 297 
THR O    O N N 298 
THR CB   C N R 299 
THR OG1  O N N 300 
THR CG2  C N N 301 
THR OXT  O N N 302 
THR H    H N N 303 
THR H2   H N N 304 
THR HA   H N N 305 
THR HB   H N N 306 
THR HG1  H N N 307 
THR HG21 H N N 308 
THR HG22 H N N 309 
THR HG23 H N N 310 
THR HXT  H N N 311 
VAL N    N N N 312 
VAL CA   C N S 313 
VAL C    C N N 314 
VAL O    O N N 315 
VAL CB   C N N 316 
VAL CG1  C N N 317 
VAL CG2  C N N 318 
VAL OXT  O N N 319 
VAL H    H N N 320 
VAL H2   H N N 321 
VAL HA   H N N 322 
VAL HB   H N N 323 
VAL HG11 H N N 324 
VAL HG12 H N N 325 
VAL HG13 H N N 326 
VAL HG21 H N N 327 
VAL HG22 H N N 328 
VAL HG23 H N N 329 
VAL HXT  H N N 330 
# 
loop_
_chem_comp_bond.comp_id 
_chem_comp_bond.atom_id_1 
_chem_comp_bond.atom_id_2 
_chem_comp_bond.value_order 
_chem_comp_bond.pdbx_aromatic_flag 
_chem_comp_bond.pdbx_stereo_config 
_chem_comp_bond.pdbx_ordinal 
ALA N   CA   sing N N 1   
ALA N   H    sing N N 2   
ALA N   H2   sing N N 3   
ALA CA  C    sing N N 4   
ALA CA  CB   sing N N 5   
ALA CA  HA   sing N N 6   
ALA C   O    doub N N 7   
ALA C   OXT  sing N N 8   
ALA CB  HB1  sing N N 9   
ALA CB  HB2  sing N N 10  
ALA CB  HB3  sing N N 11  
ALA OXT HXT  sing N N 12  
ARG N   CA   sing N N 13  
ARG N   H    sing N N 14  
ARG N   H2   sing N N 15  
ARG CA  C    sing N N 16  
ARG CA  CB   sing N N 17  
ARG CA  HA   sing N N 18  
ARG C   O    doub N N 19  
ARG C   OXT  sing N N 20  
ARG CB  CG   sing N N 21  
ARG CB  HB2  sing N N 22  
ARG CB  HB3  sing N N 23  
ARG CG  CD   sing N N 24  
ARG CG  HG2  sing N N 25  
ARG CG  HG3  sing N N 26  
ARG CD  NE   sing N N 27  
ARG CD  HD2  sing N N 28  
ARG CD  HD3  sing N N 29  
ARG NE  CZ   sing N N 30  
ARG NE  HE   sing N N 31  
ARG CZ  NH1  sing N N 32  
ARG CZ  NH2  doub N N 33  
ARG NH1 HH11 sing N N 34  
ARG NH1 HH12 sing N N 35  
ARG NH2 HH21 sing N N 36  
ARG NH2 HH22 sing N N 37  
ARG OXT HXT  sing N N 38  
ASN N   CA   sing N N 39  
ASN N   H    sing N N 40  
ASN N   H2   sing N N 41  
ASN CA  C    sing N N 42  
ASN CA  CB   sing N N 43  
ASN CA  HA   sing N N 44  
ASN C   O    doub N N 45  
ASN C   OXT  sing N N 46  
ASN CB  CG   sing N N 47  
ASN CB  HB2  sing N N 48  
ASN CB  HB3  sing N N 49  
ASN CG  OD1  doub N N 50  
ASN CG  ND2  sing N N 51  
ASN ND2 HD21 sing N N 52  
ASN ND2 HD22 sing N N 53  
ASN OXT HXT  sing N N 54  
ASP N   CA   sing N N 55  
ASP N   H    sing N N 56  
ASP N   H2   sing N N 57  
ASP CA  C    sing N N 58  
ASP CA  CB   sing N N 59  
ASP CA  HA   sing N N 60  
ASP C   O    doub N N 61  
ASP C   OXT  sing N N 62  
ASP CB  CG   sing N N 63  
ASP CB  HB2  sing N N 64  
ASP CB  HB3  sing N N 65  
ASP CG  OD1  doub N N 66  
ASP CG  OD2  sing N N 67  
ASP OD2 HD2  sing N N 68  
ASP OXT HXT  sing N N 69  
GLN N   CA   sing N N 70  
GLN N   H    sing N N 71  
GLN N   H2   sing N N 72  
GLN CA  C    sing N N 73  
GLN CA  CB   sing N N 74  
GLN CA  HA   sing N N 75  
GLN C   O    doub N N 76  
GLN C   OXT  sing N N 77  
GLN CB  CG   sing N N 78  
GLN CB  HB2  sing N N 79  
GLN CB  HB3  sing N N 80  
GLN CG  CD   sing N N 81  
GLN CG  HG2  sing N N 82  
GLN CG  HG3  sing N N 83  
GLN CD  OE1  doub N N 84  
GLN CD  NE2  sing N N 85  
GLN NE2 HE21 sing N N 86  
GLN NE2 HE22 sing N N 87  
GLN OXT HXT  sing N N 88  
GLU N   CA   sing N N 89  
GLU N   H    sing N N 90  
GLU N   H2   sing N N 91  
GLU CA  C    sing N N 92  
GLU CA  CB   sing N N 93  
GLU CA  HA   sing N N 94  
GLU C   O    doub N N 95  
GLU C   OXT  sing N N 96  
GLU CB  CG   sing N N 97  
GLU CB  HB2  sing N N 98  
GLU CB  HB3  sing N N 99  
GLU CG  CD   sing N N 100 
GLU CG  HG2  sing N N 101 
GLU CG  HG3  sing N N 102 
GLU CD  OE1  doub N N 103 
GLU CD  OE2  sing N N 104 
GLU OE2 HE2  sing N N 105 
GLU OXT HXT  sing N N 106 
GLY N   CA   sing N N 107 
GLY N   H    sing N N 108 
GLY N   H2   sing N N 109 
GLY CA  C    sing N N 110 
GLY CA  HA2  sing N N 111 
GLY CA  HA3  sing N N 112 
GLY C   O    doub N N 113 
GLY C   OXT  sing N N 114 
GLY OXT HXT  sing N N 115 
HIS N   CA   sing N N 116 
HIS N   H    sing N N 117 
HIS N   H2   sing N N 118 
HIS CA  C    sing N N 119 
HIS CA  CB   sing N N 120 
HIS CA  HA   sing N N 121 
HIS C   O    doub N N 122 
HIS C   OXT  sing N N 123 
HIS CB  CG   sing N N 124 
HIS CB  HB2  sing N N 125 
HIS CB  HB3  sing N N 126 
HIS CG  ND1  sing Y N 127 
HIS CG  CD2  doub Y N 128 
HIS ND1 CE1  doub Y N 129 
HIS ND1 HD1  sing N N 130 
HIS CD2 NE2  sing Y N 131 
HIS CD2 HD2  sing N N 132 
HIS CE1 NE2  sing Y N 133 
HIS CE1 HE1  sing N N 134 
HIS NE2 HE2  sing N N 135 
HIS OXT HXT  sing N N 136 
HOH O   H1   sing N N 137 
HOH O   H2   sing N N 138 
ILE N   CA   sing N N 139 
ILE N   H    sing N N 140 
ILE N   H2   sing N N 141 
ILE CA  C    sing N N 142 
ILE CA  CB   sing N N 143 
ILE CA  HA   sing N N 144 
ILE C   O    doub N N 145 
ILE C   OXT  sing N N 146 
ILE CB  CG1  sing N N 147 
ILE CB  CG2  sing N N 148 
ILE CB  HB   sing N N 149 
ILE CG1 CD1  sing N N 150 
ILE CG1 HG12 sing N N 151 
ILE CG1 HG13 sing N N 152 
ILE CG2 HG21 sing N N 153 
ILE CG2 HG22 sing N N 154 
ILE CG2 HG23 sing N N 155 
ILE CD1 HD11 sing N N 156 
ILE CD1 HD12 sing N N 157 
ILE CD1 HD13 sing N N 158 
ILE OXT HXT  sing N N 159 
LEU N   CA   sing N N 160 
LEU N   H    sing N N 161 
LEU N   H2   sing N N 162 
LEU CA  C    sing N N 163 
LEU CA  CB   sing N N 164 
LEU CA  HA   sing N N 165 
LEU C   O    doub N N 166 
LEU C   OXT  sing N N 167 
LEU CB  CG   sing N N 168 
LEU CB  HB2  sing N N 169 
LEU CB  HB3  sing N N 170 
LEU CG  CD1  sing N N 171 
LEU CG  CD2  sing N N 172 
LEU CG  HG   sing N N 173 
LEU CD1 HD11 sing N N 174 
LEU CD1 HD12 sing N N 175 
LEU CD1 HD13 sing N N 176 
LEU CD2 HD21 sing N N 177 
LEU CD2 HD22 sing N N 178 
LEU CD2 HD23 sing N N 179 
LEU OXT HXT  sing N N 180 
LYS N   CA   sing N N 181 
LYS N   H    sing N N 182 
LYS N   H2   sing N N 183 
LYS CA  C    sing N N 184 
LYS CA  CB   sing N N 185 
LYS CA  HA   sing N N 186 
LYS C   O    doub N N 187 
LYS C   OXT  sing N N 188 
LYS CB  CG   sing N N 189 
LYS CB  HB2  sing N N 190 
LYS CB  HB3  sing N N 191 
LYS CG  CD   sing N N 192 
LYS CG  HG2  sing N N 193 
LYS CG  HG3  sing N N 194 
LYS CD  CE   sing N N 195 
LYS CD  HD2  sing N N 196 
LYS CD  HD3  sing N N 197 
LYS CE  NZ   sing N N 198 
LYS CE  HE2  sing N N 199 
LYS CE  HE3  sing N N 200 
LYS NZ  HZ1  sing N N 201 
LYS NZ  HZ2  sing N N 202 
LYS NZ  HZ3  sing N N 203 
LYS OXT HXT  sing N N 204 
MET N   CA   sing N N 205 
MET N   H    sing N N 206 
MET N   H2   sing N N 207 
MET CA  C    sing N N 208 
MET CA  CB   sing N N 209 
MET CA  HA   sing N N 210 
MET C   O    doub N N 211 
MET C   OXT  sing N N 212 
MET CB  CG   sing N N 213 
MET CB  HB2  sing N N 214 
MET CB  HB3  sing N N 215 
MET CG  SD   sing N N 216 
MET CG  HG2  sing N N 217 
MET CG  HG3  sing N N 218 
MET SD  CE   sing N N 219 
MET CE  HE1  sing N N 220 
MET CE  HE2  sing N N 221 
MET CE  HE3  sing N N 222 
MET OXT HXT  sing N N 223 
PHE N   CA   sing N N 224 
PHE N   H    sing N N 225 
PHE N   H2   sing N N 226 
PHE CA  C    sing N N 227 
PHE CA  CB   sing N N 228 
PHE CA  HA   sing N N 229 
PHE C   O    doub N N 230 
PHE C   OXT  sing N N 231 
PHE CB  CG   sing N N 232 
PHE CB  HB2  sing N N 233 
PHE CB  HB3  sing N N 234 
PHE CG  CD1  doub Y N 235 
PHE CG  CD2  sing Y N 236 
PHE CD1 CE1  sing Y N 237 
PHE CD1 HD1  sing N N 238 
PHE CD2 CE2  doub Y N 239 
PHE CD2 HD2  sing N N 240 
PHE CE1 CZ   doub Y N 241 
PHE CE1 HE1  sing N N 242 
PHE CE2 CZ   sing Y N 243 
PHE CE2 HE2  sing N N 244 
PHE CZ  HZ   sing N N 245 
PHE OXT HXT  sing N N 246 
PRO N   CA   sing N N 247 
PRO N   CD   sing N N 248 
PRO N   H    sing N N 249 
PRO CA  C    sing N N 250 
PRO CA  CB   sing N N 251 
PRO CA  HA   sing N N 252 
PRO C   O    doub N N 253 
PRO C   OXT  sing N N 254 
PRO CB  CG   sing N N 255 
PRO CB  HB2  sing N N 256 
PRO CB  HB3  sing N N 257 
PRO CG  CD   sing N N 258 
PRO CG  HG2  sing N N 259 
PRO CG  HG3  sing N N 260 
PRO CD  HD2  sing N N 261 
PRO CD  HD3  sing N N 262 
PRO OXT HXT  sing N N 263 
SER N   CA   sing N N 264 
SER N   H    sing N N 265 
SER N   H2   sing N N 266 
SER CA  C    sing N N 267 
SER CA  CB   sing N N 268 
SER CA  HA   sing N N 269 
SER C   O    doub N N 270 
SER C   OXT  sing N N 271 
SER CB  OG   sing N N 272 
SER CB  HB2  sing N N 273 
SER CB  HB3  sing N N 274 
SER OG  HG   sing N N 275 
SER OXT HXT  sing N N 276 
SO4 S   O1   doub N N 277 
SO4 S   O2   doub N N 278 
SO4 S   O3   sing N N 279 
SO4 S   O4   sing N N 280 
THR N   CA   sing N N 281 
THR N   H    sing N N 282 
THR N   H2   sing N N 283 
THR CA  C    sing N N 284 
THR CA  CB   sing N N 285 
THR CA  HA   sing N N 286 
THR C   O    doub N N 287 
THR C   OXT  sing N N 288 
THR CB  OG1  sing N N 289 
THR CB  CG2  sing N N 290 
THR CB  HB   sing N N 291 
THR OG1 HG1  sing N N 292 
THR CG2 HG21 sing N N 293 
THR CG2 HG22 sing N N 294 
THR CG2 HG23 sing N N 295 
THR OXT HXT  sing N N 296 
VAL N   CA   sing N N 297 
VAL N   H    sing N N 298 
VAL N   H2   sing N N 299 
VAL CA  C    sing N N 300 
VAL CA  CB   sing N N 301 
VAL CA  HA   sing N N 302 
VAL C   O    doub N N 303 
VAL C   OXT  sing N N 304 
VAL CB  CG1  sing N N 305 
VAL CB  CG2  sing N N 306 
VAL CB  HB   sing N N 307 
VAL CG1 HG11 sing N N 308 
VAL CG1 HG12 sing N N 309 
VAL CG1 HG13 sing N N 310 
VAL CG2 HG21 sing N N 311 
VAL CG2 HG22 sing N N 312 
VAL CG2 HG23 sing N N 313 
VAL OXT HXT  sing N N 314 
# 
_atom_sites.entry_id                    1PCH 
_atom_sites.fract_transf_matrix[1][1]   0.00886504 
_atom_sites.fract_transf_matrix[1][2]   0.02557018 
_atom_sites.fract_transf_matrix[1][3]   0.01523327 
_atom_sites.fract_transf_matrix[2][1]   0.02091341 
_atom_sites.fract_transf_matrix[2][2]   -0.00062226 
_atom_sites.fract_transf_matrix[2][3]   -0.01112609 
_atom_sites.fract_transf_matrix[3][1]   -0.00713165 
_atom_sites.fract_transf_matrix[3][2]   0.01081902 
_atom_sites.fract_transf_matrix[3][3]   -0.01401026 
_atom_sites.fract_transf_vector[1]      0.264301 
_atom_sites.fract_transf_vector[2]      0.064401 
_atom_sites.fract_transf_vector[3]      0.187373 
# 
loop_
_atom_type.symbol 
C 
N 
O 
S 
# 
loop_
_atom_site.group_PDB 
_atom_site.id 
_atom_site.type_symbol 
_atom_site.label_atom_id 
_atom_site.label_alt_id 
_atom_site.label_comp_id 
_atom_site.label_asym_id 
_atom_site.label_entity_id 
_atom_site.label_seq_id 
_atom_site.pdbx_PDB_ins_code 
_atom_site.Cartn_x 
_atom_site.Cartn_y 
_atom_site.Cartn_z 
_atom_site.occupancy 
_atom_site.B_iso_or_equiv 
_atom_site.pdbx_formal_charge 
_atom_site.auth_seq_id 
_atom_site.auth_comp_id 
_atom_site.auth_asym_id 
_atom_site.auth_atom_id 
_atom_site.pdbx_PDB_model_num 
ATOM   1   N N   . ALA A 1 1  ? 8.355   4.704   9.576   1.00 21.82 ? 2   ALA A N   1 
ATOM   2   C CA  . ALA A 1 1  ? 8.667   3.375   9.088   1.00 22.24 ? 2   ALA A CA  1 
ATOM   3   C C   . ALA A 1 1  ? 8.307   3.301   7.595   1.00 19.47 ? 2   ALA A C   1 
ATOM   4   O O   . ALA A 1 1  ? 7.316   3.860   7.176   1.00 24.62 ? 2   ALA A O   1 
ATOM   5   C CB  . ALA A 1 1  ? 7.864   2.327   9.863   1.00 33.64 ? 2   ALA A CB  1 
ATOM   6   N N   . LYS A 1 2  ? 9.145   2.593   6.825   1.00 19.68 ? 3   LYS A N   1 
ATOM   7   C CA  . LYS A 1 2  ? 8.848   2.537   5.401   1.00 20.95 ? 3   LYS A CA  1 
ATOM   8   C C   . LYS A 1 2  ? 9.439   1.375   4.671   1.00 23.53 ? 3   LYS A C   1 
ATOM   9   O O   . LYS A 1 2  ? 10.406  0.704   5.049   1.00 24.98 ? 3   LYS A O   1 
ATOM   10  C CB  . LYS A 1 2  ? 9.309   3.854   4.773   1.00 25.93 ? 3   LYS A CB  1 
ATOM   11  C CG  . LYS A 1 2  ? 10.734  3.902   4.340   1.00 32.47 ? 3   LYS A CG  1 
ATOM   12  C CD  . LYS A 1 2  ? 11.217  5.356   4.177   1.00 36.66 ? 3   LYS A CD  1 
ATOM   13  C CE  . LYS A 1 2  ? 10.612  6.038   2.977   1.00 39.72 ? 3   LYS A CE  1 
ATOM   14  N NZ  . LYS A 1 2  ? 10.996  7.479   2.873   1.00 50.37 ? 3   LYS A NZ  1 
ATOM   15  N N   . PHE A 1 3  ? 8.864   1.150   3.469   1.00 20.05 ? 4   PHE A N   1 
ATOM   16  C CA  . PHE A 1 3  ? 9.353   0.109   2.605   1.00 20.87 ? 4   PHE A CA  1 
ATOM   17  C C   . PHE A 1 3  ? 8.943   0.429   1.172   1.00 21.55 ? 4   PHE A C   1 
ATOM   18  O O   . PHE A 1 3  ? 7.998   1.154   0.928   1.00 19.03 ? 4   PHE A O   1 
ATOM   19  C CB  . PHE A 1 3  ? 8.960   -1.286  3.007   1.00 24.83 ? 4   PHE A CB  1 
ATOM   20  C CG  . PHE A 1 3  ? 7.557   -1.720  2.653   1.00 26.17 ? 4   PHE A CG  1 
ATOM   21  C CD1 . PHE A 1 3  ? 7.290   -2.289  1.435   1.00 29.25 ? 4   PHE A CD1 1 
ATOM   22  C CD2 . PHE A 1 3  ? 6.528   -1.535  3.572   1.00 28.14 ? 4   PHE A CD2 1 
ATOM   23  C CE1 . PHE A 1 3  ? 6.002   -2.692  1.098   1.00 30.39 ? 4   PHE A CE1 1 
ATOM   24  C CE2 . PHE A 1 3  ? 5.244   -1.943  3.247   1.00 30.42 ? 4   PHE A CE2 1 
ATOM   25  C CZ  . PHE A 1 3  ? 4.990   -2.508  2.020   1.00 29.25 ? 4   PHE A CZ  1 
ATOM   26  N N   . SER A 1 4  ? 9.760   -0.082  0.251   1.00 21.48 ? 5   SER A N   1 
ATOM   27  C CA  . SER A 1 4  ? 9.453   0.171   -1.151  1.00 18.20 ? 5   SER A CA  1 
ATOM   28  C C   . SER A 1 4  ? 9.363   -1.160  -1.816  1.00 16.77 ? 5   SER A C   1 
ATOM   29  O O   . SER A 1 4  ? 9.937   -2.167  -1.356  1.00 19.64 ? 5   SER A O   1 
ATOM   30  C CB  . SER A 1 4  ? 10.522  1.050   -1.785  1.00 21.21 ? 5   SER A CB  1 
ATOM   31  O OG  . SER A 1 4  ? 10.664  2.272   -1.142  1.00 32.52 ? 5   SER A OG  1 
ATOM   32  N N   . ALA A 1 5  ? 8.578   -1.252  -2.886  1.00 17.13 ? 6   ALA A N   1 
ATOM   33  C CA  . ALA A 1 5  ? 8.490   -2.558  -3.556  1.00 17.25 ? 6   ALA A CA  1 
ATOM   34  C C   . ALA A 1 5  ? 8.047   -2.292  -4.992  1.00 15.64 ? 6   ALA A C   1 
ATOM   35  O O   . ALA A 1 5  ? 7.471   -1.236  -5.283  1.00 18.61 ? 6   ALA A O   1 
ATOM   36  C CB  . ALA A 1 5  ? 7.586   -3.516  -2.869  1.00 22.63 ? 6   ALA A CB  1 
ATOM   37  N N   . ILE A 1 6  ? 8.224   -3.250  -5.844  1.00 17.81 ? 7   ILE A N   1 
ATOM   38  C CA  . ILE A 1 6  ? 7.729   -3.020  -7.231  1.00 18.46 ? 7   ILE A CA  1 
ATOM   39  C C   . ILE A 1 6  ? 6.421   -3.813  -7.338  1.00 17.25 ? 7   ILE A C   1 
ATOM   40  O O   . ILE A 1 6  ? 6.390   -4.955  -6.937  1.00 19.46 ? 7   ILE A O   1 
ATOM   41  C CB  . ILE A 1 6  ? 8.741   -3.607  -8.225  1.00 23.32 ? 7   ILE A CB  1 
ATOM   42  C CG1 . ILE A 1 6  ? 10.098  -2.882  -8.198  1.00 24.38 ? 7   ILE A CG1 1 
ATOM   43  C CG2 . ILE A 1 6  ? 8.175   -3.697  -9.620  1.00 19.08 ? 7   ILE A CG2 1 
ATOM   44  C CD1 . ILE A 1 6  ? 10.004  -1.399  -8.288  1.00 27.25 ? 7   ILE A CD1 1 
ATOM   45  N N   . ILE A 1 7  ? 5.408   -3.205  -7.875  1.00 15.24 ? 8   ILE A N   1 
ATOM   46  C CA  . ILE A 1 7  ? 4.125   -3.851  -8.094  1.00 16.97 ? 8   ILE A CA  1 
ATOM   47  C C   . ILE A 1 7  ? 4.265   -4.855  -9.245  1.00 16.36 ? 8   ILE A C   1 
ATOM   48  O O   . ILE A 1 7  ? 4.593   -4.471  -10.335 1.00 17.74 ? 8   ILE A O   1 
ATOM   49  C CB  . ILE A 1 7  ? 3.061   -2.807  -8.522  1.00 17.86 ? 8   ILE A CB  1 
ATOM   50  C CG1 . ILE A 1 7  ? 2.833   -1.737  -7.485  1.00 18.21 ? 8   ILE A CG1 1 
ATOM   51  C CG2 . ILE A 1 7  ? 1.821   -3.555  -8.971  1.00 21.08 ? 8   ILE A CG2 1 
ATOM   52  C CD1 . ILE A 1 7  ? 2.331   -2.312  -6.145  1.00 23.81 ? 8   ILE A CD1 1 
ATOM   53  N N   . THR A 1 8  ? 4.051   -6.133  -8.947  1.00 20.38 ? 9   THR A N   1 
ATOM   54  C CA  . THR A 1 8  ? 4.212   -7.104  -10.030 1.00 25.71 ? 9   THR A CA  1 
ATOM   55  C C   . THR A 1 8  ? 2.909   -7.626  -10.547 1.00 29.32 ? 9   THR A C   1 
ATOM   56  O O   . THR A 1 8  ? 2.911   -8.401  -11.518 1.00 29.16 ? 9   THR A O   1 
ATOM   57  C CB  . THR A 1 8  ? 5.119   -8.253  -9.593  1.00 27.48 ? 9   THR A CB  1 
ATOM   58  O OG1 . THR A 1 8  ? 4.772   -8.655  -8.264  1.00 27.51 ? 9   THR A OG1 1 
ATOM   59  C CG2 . THR A 1 8  ? 6.557   -7.715  -9.537  1.00 28.72 ? 9   THR A CG2 1 
ATOM   60  N N   . ASP A 1 9  ? 1.815   -7.215  -9.896  1.00 28.84 ? 10  ASP A N   1 
ATOM   61  C CA  . ASP A 1 9  ? 0.496   -7.653  -10.349 1.00 24.69 ? 10  ASP A CA  1 
ATOM   62  C C   . ASP A 1 9  ? 0.307   -7.083  -11.801 1.00 20.86 ? 10  ASP A C   1 
ATOM   63  O O   . ASP A 1 9  ? 0.667   -5.959  -11.983 1.00 16.71 ? 10  ASP A O   1 
ATOM   64  C CB  . ASP A 1 9  ? -0.579  -7.058  -9.466  1.00 23.37 ? 10  ASP A CB  1 
ATOM   65  C CG  . ASP A 1 9  ? -1.971  -7.543  -9.827  1.00 26.35 ? 10  ASP A CG  1 
ATOM   66  O OD1 . ASP A 1 9  ? -2.315  -7.553  -11.014 1.00 31.03 ? 10  ASP A OD1 1 
ATOM   67  O OD2 . ASP A 1 9  ? -2.726  -7.890  -8.883  1.00 29.47 ? 10  ASP A OD2 1 
ATOM   68  N N   . LYS A 1 10 ? -0.132  -7.919  -12.706 1.00 25.76 ? 11  LYS A N   1 
ATOM   69  C CA  . LYS A 1 10 ? -0.293  -7.547  -14.108 1.00 27.27 ? 11  LYS A CA  1 
ATOM   70  C C   . LYS A 1 10 ? -1.408  -6.560  -14.339 1.00 32.50 ? 11  LYS A C   1 
ATOM   71  O O   . LYS A 1 10 ? -1.538  -5.977  -15.432 1.00 38.88 ? 11  LYS A O   1 
ATOM   72  C CB  . LYS A 1 10 ? -0.515  -8.816  -14.948 1.00 25.87 ? 11  LYS A CB  1 
ATOM   73  C CG  . LYS A 1 10 ? 0.791   -9.666  -15.038 1.00 29.54 ? 11  LYS A CG  1 
ATOM   74  C CD  . LYS A 1 10 ? 0.537   -10.859 -15.920 1.00 35.38 ? 11  LYS A CD  1 
ATOM   75  C CE  . LYS A 1 10 ? 1.200   -12.123 -15.482 1.00 40.18 ? 11  LYS A CE  1 
ATOM   76  N NZ  . LYS A 1 10 ? 0.543   -13.326 -16.119 1.00 46.77 ? 11  LYS A NZ  1 
ATOM   77  N N   . VAL A 1 11 ? -2.245  -6.336  -13.339 1.00 34.90 ? 12  VAL A N   1 
ATOM   78  C CA  . VAL A 1 11 ? -3.342  -5.363  -13.495 1.00 33.55 ? 12  VAL A CA  1 
ATOM   79  C C   . VAL A 1 11 ? -3.055  -4.132  -12.651 1.00 34.07 ? 12  VAL A C   1 
ATOM   80  O O   . VAL A 1 11 ? -3.774  -3.141  -12.627 1.00 50.38 ? 12  VAL A O   1 
ATOM   81  C CB  . VAL A 1 11 ? -4.696  -5.984  -13.072 1.00 36.17 ? 12  VAL A CB  1 
ATOM   82  C CG1 . VAL A 1 11 ? -5.823  -4.990  -13.346 1.00 37.73 ? 12  VAL A CG1 1 
ATOM   83  C CG2 . VAL A 1 11 ? -4.960  -7.270  -13.871 1.00 37.59 ? 12  VAL A CG2 1 
ATOM   84  N N   . GLY A 1 12 ? -1.944  -4.197  -11.873 1.00 24.92 ? 13  GLY A N   1 
ATOM   85  C CA  . GLY A 1 12 ? -1.624  -3.068  -11.048 1.00 20.25 ? 13  GLY A CA  1 
ATOM   86  C C   . GLY A 1 12 ? -2.323  -3.163  -9.679  1.00 19.34 ? 13  GLY A C   1 
ATOM   87  O O   . GLY A 1 12 ? -2.679  -4.218  -9.231  1.00 25.59 ? 13  GLY A O   1 
ATOM   88  N N   . LEU A 1 13 ? -2.472  -2.006  -9.086  1.00 21.70 ? 14  LEU A N   1 
ATOM   89  C CA  . LEU A 1 13 ? -3.072  -1.876  -7.765  1.00 20.15 ? 14  LEU A CA  1 
ATOM   90  C C   . LEU A 1 13 ? -4.563  -1.584  -7.996  1.00 18.01 ? 14  LEU A C   1 
ATOM   91  O O   . LEU A 1 13 ? -4.948  -0.444  -8.191  1.00 20.69 ? 14  LEU A O   1 
ATOM   92  C CB  . LEU A 1 13 ? -2.387  -0.819  -6.939  1.00 18.36 ? 14  LEU A CB  1 
ATOM   93  C CG  . LEU A 1 13 ? -2.332  -1.132  -5.425  1.00 20.52 ? 14  LEU A CG  1 
ATOM   94  C CD1 . LEU A 1 13 ? -1.672  -0.014  -4.657  1.00 22.73 ? 14  LEU A CD1 1 
ATOM   95  C CD2 . LEU A 1 13 ? -3.760  -1.345  -4.952  1.00 21.72 ? 14  LEU A CD2 1 
ATOM   96  N N   . HIS A 1 14 ? -5.260  -2.701  -8.192  1.00 18.49 ? 15  HIS A N   1 
ATOM   97  C CA  . HIS A 1 14 ? -6.639  -2.686  -8.572  1.00 19.36 ? 15  HIS A CA  1 
ATOM   98  C C   . HIS A 1 14 ? -7.554  -2.949  -7.385  1.00 23.02 ? 15  HIS A C   1 
ATOM   99  O O   . HIS A 1 14 ? -7.120  -2.937  -6.238  1.00 18.59 ? 15  HIS A O   1 
ATOM   100 C CB  . HIS A 1 14 ? -6.886  -3.692  -9.692  1.00 18.83 ? 15  HIS A CB  1 
ATOM   101 C CG  . HIS A 1 14 ? -6.455  -5.072  -9.362  1.00 20.79 ? 15  HIS A CG  1 
ATOM   102 N ND1 . HIS A 1 14 ? -7.372  -6.068  -9.023  1.00 24.49 ? 15  HIS A ND1 1 
ATOM   103 C CD2 . HIS A 1 14 ? -5.229  -5.657  -9.345  1.00 26.14 ? 15  HIS A CD2 1 
ATOM   104 C CE1 . HIS A 1 14 ? -6.732  -7.196  -8.841  1.00 24.09 ? 15  HIS A CE1 1 
ATOM   105 N NE2 . HIS A 1 14 ? -5.426  -6.975  -8.998  1.00 28.26 ? 15  HIS A NE2 1 
ATOM   106 N N   . ALA A 1 15 ? -8.862  -2.984  -7.660  1.00 18.58 ? 16  ALA A N   1 
ATOM   107 C CA  . ALA A 1 15 ? -9.830  -3.011  -6.608  1.00 17.71 ? 16  ALA A CA  1 
ATOM   108 C C   . ALA A 1 15 ? -9.612  -4.009  -5.524  1.00 14.17 ? 16  ALA A C   1 
ATOM   109 O O   . ALA A 1 15 ? -9.758  -3.618  -4.330  1.00 17.82 ? 16  ALA A O   1 
ATOM   110 C CB  . ALA A 1 15 ? -11.258 -3.021  -7.138  1.00 21.44 ? 16  ALA A CB  1 
ATOM   111 N N   . ARG A 1 16 ? -9.378  -5.252  -5.837  1.00 16.89 ? 17  ARG A N   1 
ATOM   112 C CA  . ARG A 1 16 ? -9.257  -6.301  -4.795  1.00 19.51 ? 17  ARG A CA  1 
ATOM   113 C C   . ARG A 1 16 ? -8.176  -5.978  -3.809  1.00 21.95 ? 17  ARG A C   1 
ATOM   114 O O   . ARG A 1 16 ? -8.356  -5.910  -2.578  1.00 16.22 ? 17  ARG A O   1 
ATOM   115 C CB  . ARG A 1 16 ? -9.035  -7.631  -5.495  1.00 23.49 ? 17  ARG A CB  1 
ATOM   116 C CG  . ARG A 1 16 ? -9.459  -8.849  -4.674  1.00 29.46 ? 17  ARG A CG  1 
ATOM   117 C CD  . ARG A 1 16 ? -8.990  -10.132 -5.350  1.00 32.93 ? 17  ARG A CD  1 
ATOM   118 N N   . PRO A 1 17 ? -6.936  -5.803  -4.342  1.00 19.18 ? 18  PRO A N   1 
ATOM   119 C CA  . PRO A 1 17 ? -5.844  -5.457  -3.439  1.00 16.72 ? 18  PRO A CA  1 
ATOM   120 C C   . PRO A 1 17 ? -6.000  -4.158  -2.779  1.00 14.54 ? 18  PRO A C   1 
ATOM   121 O O   . PRO A 1 17 ? -5.706  -3.992  -1.559  1.00 18.07 ? 18  PRO A O   1 
ATOM   122 C CB  . PRO A 1 17 ? -4.585  -5.576  -4.295  1.00 18.59 ? 18  PRO A CB  1 
ATOM   123 C CG  . PRO A 1 17 ? -5.110  -5.305  -5.690  1.00 19.66 ? 18  PRO A CG  1 
ATOM   124 C CD  . PRO A 1 17 ? -6.427  -6.053  -5.718  1.00 18.75 ? 18  PRO A CD  1 
ATOM   125 N N   . ALA A 1 18 ? -6.498  -3.104  -3.454  1.00 14.14 ? 19  ALA A N   1 
ATOM   126 C CA  . ALA A 1 18 ? -6.681  -1.837  -2.823  1.00 17.47 ? 19  ALA A CA  1 
ATOM   127 C C   . ALA A 1 18 ? -7.664  -1.964  -1.640  1.00 15.76 ? 19  ALA A C   1 
ATOM   128 O O   . ALA A 1 18 ? -7.448  -1.351  -0.615  1.00 15.11 ? 19  ALA A O   1 
ATOM   129 C CB  . ALA A 1 18 ? -7.210  -0.789  -3.800  1.00 22.60 ? 19  ALA A CB  1 
ATOM   130 N N   . SER A 1 19 ? -8.728  -2.721  -1.867  1.00 16.98 ? 20  SER A N   1 
ATOM   131 C CA  . SER A 1 19 ? -9.764  -2.846  -0.836  1.00 16.89 ? 20  SER A CA  1 
ATOM   132 C C   . SER A 1 19 ? -9.204  -3.524  0.398   1.00 13.32 ? 20  SER A C   1 
ATOM   133 O O   . SER A 1 19 ? -9.501  -3.079  1.508   1.00 19.59 ? 20  SER A O   1 
ATOM   134 C CB  . SER A 1 19 ? -10.975 -3.590  -1.368  1.00 15.23 ? 20  SER A CB  1 
ATOM   135 O OG  . SER A 1 19 ? -10.771 -4.956  -1.504  1.00 21.45 ? 20  SER A OG  1 
ATOM   136 N N   . VAL A 1 20 ? -8.458  -4.600  0.198   1.00 16.07 ? 21  VAL A N   1 
ATOM   137 C CA  . VAL A 1 20 ? -7.820  -5.358  1.245   1.00 16.22 ? 21  VAL A CA  1 
ATOM   138 C C   . VAL A 1 20 ? -6.794  -4.542  2.006   1.00 20.73 ? 21  VAL A C   1 
ATOM   139 O O   . VAL A 1 20 ? -6.668  -4.526  3.214   1.00 14.27 ? 21  VAL A O   1 
ATOM   140 C CB  . VAL A 1 20 ? -7.208  -6.678  0.756   1.00 19.83 ? 21  VAL A CB  1 
ATOM   141 C CG1 . VAL A 1 20 ? -6.548  -7.394  1.911   1.00 21.02 ? 21  VAL A CG1 1 
ATOM   142 C CG2 . VAL A 1 20 ? -8.294  -7.536  0.127   1.00 23.08 ? 21  VAL A CG2 1 
ATOM   143 N N   . LEU A 1 21 ? -6.008  -3.772  1.229   1.00 18.46 ? 22  LEU A N   1 
ATOM   144 C CA  . LEU A 1 21 ? -5.030  -2.892  1.856   1.00 15.49 ? 22  LEU A CA  1 
ATOM   145 C C   . LEU A 1 21 ? -5.691  -1.779  2.652   1.00 14.65 ? 22  LEU A C   1 
ATOM   146 O O   . LEU A 1 21 ? -5.236  -1.523  3.754   1.00 16.00 ? 22  LEU A O   1 
ATOM   147 C CB  . LEU A 1 21 ? -4.118  -2.276  0.810   1.00 17.05 ? 22  LEU A CB  1 
ATOM   148 C CG  . LEU A 1 21 ? -3.108  -3.329  0.235   1.00 18.60 ? 22  LEU A CG  1 
ATOM   149 C CD1 . LEU A 1 21 ? -2.595  -2.655  -1.083  1.00 18.98 ? 22  LEU A CD1 1 
ATOM   150 C CD2 . LEU A 1 21 ? -1.949  -3.460  1.221   1.00 23.49 ? 22  LEU A CD2 1 
ATOM   151 N N   . ALA A 1 22 ? -6.706  -1.144  2.101   1.00 11.32 ? 23  ALA A N   1 
ATOM   152 C CA  . ALA A 1 22 ? -7.388  -0.045  2.814   1.00 13.78 ? 23  ALA A CA  1 
ATOM   153 C C   . ALA A 1 22 ? -7.945  -0.548  4.128   1.00 16.80 ? 23  ALA A C   1 
ATOM   154 O O   . ALA A 1 22 ? -7.849  0.121   5.153   1.00 14.17 ? 23  ALA A O   1 
ATOM   155 C CB  . ALA A 1 22 ? -8.475  0.509   1.929   1.00 21.37 ? 23  ALA A CB  1 
ATOM   156 N N   . LYS A 1 23 ? -8.500  -1.767  4.091   1.00 14.69 ? 24  LYS A N   1 
ATOM   157 C CA  . LYS A 1 23 ? -9.072  -2.365  5.298   1.00 17.94 ? 24  LYS A CA  1 
ATOM   158 C C   . LYS A 1 23 ? -7.989  -2.565  6.347   1.00 16.93 ? 24  LYS A C   1 
ATOM   159 O O   . LYS A 1 23 ? -8.117  -2.336  7.539   1.00 17.92 ? 24  LYS A O   1 
ATOM   160 C CB  . LYS A 1 23 ? -9.655  -3.753  4.921   1.00 20.64 ? 24  LYS A CB  1 
ATOM   161 C CG  . LYS A 1 23 ? -9.917  -4.605  6.182   1.00 25.07 ? 24  LYS A CG  1 
ATOM   162 C CD  . LYS A 1 23 ? -10.548 -5.923  5.825   1.00 29.12 ? 24  LYS A CD  1 
ATOM   163 C CE  . LYS A 1 23 ? -10.953 -6.749  7.029   1.00 34.96 ? 24  LYS A CE  1 
ATOM   164 N NZ  . LYS A 1 23 ? -11.118 -8.196  6.672   1.00 43.16 ? 24  LYS A NZ  1 
ATOM   165 N N   . GLU A 1 24 ? -6.890  -3.156  5.872   1.00 15.54 ? 25  GLU A N   1 
ATOM   166 C CA  . GLU A 1 24 ? -5.784  -3.454  6.772   1.00 17.26 ? 25  GLU A CA  1 
ATOM   167 C C   . GLU A 1 24 ? -5.155  -2.218  7.333   1.00 18.27 ? 25  GLU A C   1 
ATOM   168 O O   . GLU A 1 24 ? -4.930  -2.082  8.538   1.00 18.34 ? 25  GLU A O   1 
ATOM   169 C CB  . GLU A 1 24 ? -4.741  -4.345  6.102   1.00 21.46 ? 25  GLU A CB  1 
ATOM   170 C CG  . GLU A 1 24 ? -3.673  -4.742  7.143   1.00 29.66 ? 25  GLU A CG  1 
ATOM   171 C CD  . GLU A 1 24 ? -4.158  -5.970  7.915   1.00 36.47 ? 25  GLU A CD  1 
ATOM   172 O OE1 . GLU A 1 24 ? -5.220  -6.523  7.529   1.00 35.01 ? 25  GLU A OE1 1 
ATOM   173 O OE2 . GLU A 1 24 ? -3.423  -6.385  8.813   1.00 40.77 ? 25  GLU A OE2 1 
ATOM   174 N N   . ALA A 1 25 ? -4.891  -1.233  6.444   1.00 16.33 ? 26  ALA A N   1 
ATOM   175 C CA  . ALA A 1 25 ? -4.313  0.010   6.947   1.00 15.42 ? 26  ALA A CA  1 
ATOM   176 C C   . ALA A 1 25 ? -5.186  0.702   7.967   1.00 15.67 ? 26  ALA A C   1 
ATOM   177 O O   . ALA A 1 25 ? -4.687  1.320   8.893   1.00 16.91 ? 26  ALA A O   1 
ATOM   178 C CB  . ALA A 1 25 ? -4.075  0.941   5.741   1.00 21.48 ? 26  ALA A CB  1 
ATOM   179 N N   . SER A 1 26 ? -6.520  0.604   7.796   1.00 15.96 ? 27  SER A N   1 
ATOM   180 C CA  . SER A 1 26 ? -7.464  1.324   8.640   1.00 19.35 ? 27  SER A CA  1 
ATOM   181 C C   . SER A 1 26 ? -7.488  0.913   10.086  1.00 21.59 ? 27  SER A C   1 
ATOM   182 O O   . SER A 1 26 ? -8.074  1.561   10.947  1.00 24.24 ? 27  SER A O   1 
ATOM   183 C CB  . SER A 1 26 ? -8.900  1.147   8.072   1.00 20.85 ? 27  SER A CB  1 
ATOM   184 O OG  . SER A 1 26 ? -8.948  1.895   6.855   1.00 29.83 ? 27  SER A OG  1 
ATOM   185 N N   . LYS A 1 27 ? -6.809  -0.185  10.377  1.00 21.26 ? 28  LYS A N   1 
ATOM   186 C CA  . LYS A 1 27 ? -6.736  -0.724  11.704  1.00 24.16 ? 28  LYS A CA  1 
ATOM   187 C C   . LYS A 1 27 ? -5.746  -0.007  12.587  1.00 21.48 ? 28  LYS A C   1 
ATOM   188 O O   . LYS A 1 27 ? -5.761  -0.196  13.807  1.00 23.99 ? 28  LYS A O   1 
ATOM   189 C CB  . LYS A 1 27 ? -6.225  -2.211  11.557  1.00 29.37 ? 28  LYS A CB  1 
ATOM   190 C CG  . LYS A 1 27 ? -7.102  -2.983  10.557  1.00 37.28 ? 28  LYS A CG  1 
ATOM   191 C CD  . LYS A 1 27 ? -6.496  -4.385  10.390  1.00 41.26 ? 28  LYS A CD  1 
ATOM   192 C CE  . LYS A 1 27 ? -7.570  -5.431  10.096  1.00 45.07 ? 28  LYS A CE  1 
ATOM   193 N NZ  . LYS A 1 27 ? -6.904  -6.826  10.202  1.00 44.91 ? 28  LYS A NZ  1 
ATOM   194 N N   . PHE A 1 28 ? -4.801  0.677   11.986  1.00 18.43 ? 29  PHE A N   1 
ATOM   195 C CA  . PHE A 1 28 ? -3.688  1.330   12.579  1.00 11.87 ? 29  PHE A CA  1 
ATOM   196 C C   . PHE A 1 28 ? -3.926  2.802   12.861  1.00 11.89 ? 29  PHE A C   1 
ATOM   197 O O   . PHE A 1 28 ? -4.524  3.550   12.117  1.00 22.04 ? 29  PHE A O   1 
ATOM   198 C CB  . PHE A 1 28 ? -2.437  1.174   11.681  1.00 12.32 ? 29  PHE A CB  1 
ATOM   199 C CG  . PHE A 1 28 ? -2.116  -0.318  11.492  1.00 14.83 ? 29  PHE A CG  1 
ATOM   200 C CD1 . PHE A 1 28 ? -1.452  -0.986  12.501  1.00 18.53 ? 29  PHE A CD1 1 
ATOM   201 C CD2 . PHE A 1 28 ? -2.483  -1.007  10.362  1.00 16.33 ? 29  PHE A CD2 1 
ATOM   202 C CE1 . PHE A 1 28 ? -1.147  -2.316  12.412  1.00 21.04 ? 29  PHE A CE1 1 
ATOM   203 C CE2 . PHE A 1 28 ? -2.183  -2.365  10.266  1.00 20.04 ? 29  PHE A CE2 1 
ATOM   204 C CZ  . PHE A 1 28 ? -1.529  -3.011  11.272  1.00 21.74 ? 29  PHE A CZ  1 
ATOM   205 N N   . SER A 1 29 ? -3.395  3.217   14.019  1.00 13.80 ? 30  SER A N   1 
ATOM   206 C CA  . SER A 1 29 ? -3.465  4.600   14.357  1.00 17.18 ? 30  SER A CA  1 
ATOM   207 C C   . SER A 1 29 ? -2.508  5.426   13.493  1.00 16.16 ? 30  SER A C   1 
ATOM   208 O O   . SER A 1 29 ? -2.759  6.586   13.230  1.00 14.96 ? 30  SER A O   1 
ATOM   209 C CB  . SER A 1 29 ? -3.134  4.843   15.842  1.00 23.03 ? 30  SER A CB  1 
ATOM   210 O OG  . SER A 1 29 ? -1.839  4.450   16.137  1.00 32.62 ? 30  SER A OG  1 
ATOM   211 N N   . SER A 1 30 ? -1.387  4.799   13.062  1.00 17.47 ? 31  SER A N   1 
ATOM   212 C CA  . SER A 1 30 ? -0.410  5.509   12.281  1.00 15.29 ? 31  SER A CA  1 
ATOM   213 C C   . SER A 1 30 ? -1.051  6.092   10.995  1.00 18.63 ? 31  SER A C   1 
ATOM   214 O O   . SER A 1 30 ? -1.954  5.520   10.450  1.00 17.74 ? 31  SER A O   1 
ATOM   215 C CB  . SER A 1 30 ? 0.653   4.511   11.721  1.00 18.17 ? 31  SER A CB  1 
ATOM   216 O OG  . SER A 1 30 ? 1.495   4.080   12.789  1.00 23.35 ? 31  SER A OG  1 
ATOM   217 N N   . ASN A 1 31 ? -0.375  7.099   10.524  1.00 24.14 ? 32  ASN A N   1 
ATOM   218 C CA  . ASN A 1 31 ? -0.660  7.688   9.204   1.00 19.09 ? 32  ASN A CA  1 
ATOM   219 C C   . ASN A 1 31 ? 0.098   6.807   8.204   1.00 18.39 ? 32  ASN A C   1 
ATOM   220 O O   . ASN A 1 31 ? 1.282   6.605   8.295   1.00 24.64 ? 32  ASN A O   1 
ATOM   221 C CB  . ASN A 1 31 ? -0.153  9.111   9.160   1.00 23.49 ? 32  ASN A CB  1 
ATOM   222 C CG  . ASN A 1 31 ? -0.893  9.941   10.212  1.00 30.62 ? 32  ASN A CG  1 
ATOM   223 O OD1 . ASN A 1 31 ? -2.110  10.049  10.103  1.00 33.10 ? 32  ASN A OD1 1 
ATOM   224 N ND2 . ASN A 1 31 ? -0.162  10.459  11.183  1.00 47.17 ? 32  ASN A ND2 1 
ATOM   225 N N   . ILE A 1 32 ? -0.645  6.250   7.251   1.00 18.60 ? 33  ILE A N   1 
ATOM   226 C CA  . ILE A 1 32 ? -0.057  5.359   6.287   1.00 12.92 ? 33  ILE A CA  1 
ATOM   227 C C   . ILE A 1 32 ? -0.289  5.869   4.870   1.00 15.10 ? 33  ILE A C   1 
ATOM   228 O O   . ILE A 1 32 ? -1.353  5.948   4.312   1.00 17.48 ? 33  ILE A O   1 
ATOM   229 C CB  . ILE A 1 32 ? -0.537  3.925   6.443   1.00 14.45 ? 33  ILE A CB  1 
ATOM   230 C CG1 . ILE A 1 32 ? -0.367  3.389   7.869   1.00 18.66 ? 33  ILE A CG1 1 
ATOM   231 C CG2 . ILE A 1 32 ? 0.185   3.029   5.449   1.00 23.77 ? 33  ILE A CG2 1 
ATOM   232 C CD1 . ILE A 1 32 ? -1.196  2.129   8.116   1.00 24.90 ? 33  ILE A CD1 1 
ATOM   233 N N   . THR A 1 33 ? 0.866   6.332   4.324   1.00 15.42 ? 34  THR A N   1 
ATOM   234 C CA  . THR A 1 33 ? 0.843   6.916   3.001   1.00 18.56 ? 34  THR A CA  1 
ATOM   235 C C   . THR A 1 33 ? 1.503   5.997   1.987   1.00 14.81 ? 34  THR A C   1 
ATOM   236 O O   . THR A 1 33 ? 2.427   5.235   2.262   1.00 17.87 ? 34  THR A O   1 
ATOM   237 C CB  . THR A 1 33 ? 1.552   8.286   3.055   1.00 25.90 ? 34  THR A CB  1 
ATOM   238 O OG1 . THR A 1 33 ? 0.876   9.048   4.061   1.00 31.32 ? 34  THR A OG1 1 
ATOM   239 C CG2 . THR A 1 33 ? 1.419   9.023   1.734   1.00 27.90 ? 34  THR A CG2 1 
ATOM   240 N N   . ILE A 1 34 ? 0.976   6.059   0.800   1.00 14.33 ? 35  ILE A N   1 
ATOM   241 C CA  . ILE A 1 34 ? 1.503   5.291   -0.342  1.00 13.30 ? 35  ILE A CA  1 
ATOM   242 C C   . ILE A 1 34 ? 1.957   6.352   -1.362  1.00 17.21 ? 35  ILE A C   1 
ATOM   243 O O   . ILE A 1 34 ? 1.276   7.354   -1.557  1.00 18.33 ? 35  ILE A O   1 
ATOM   244 C CB  . ILE A 1 34 ? 0.534   4.336   -0.925  1.00 19.10 ? 35  ILE A CB  1 
ATOM   245 C CG1 . ILE A 1 34 ? 1.074   3.560   -2.161  1.00 21.83 ? 35  ILE A CG1 1 
ATOM   246 C CG2 . ILE A 1 34 ? -0.792  4.994   -1.272  1.00 18.56 ? 35  ILE A CG2 1 
ATOM   247 C CD1 . ILE A 1 34 ? 0.168   2.377   -2.500  1.00 29.43 ? 35  ILE A CD1 1 
ATOM   248 N N   . ILE A 1 35 ? 3.178   6.172   -1.825  1.00 20.03 ? 36  ILE A N   1 
ATOM   249 C CA  . ILE A 1 35 ? 3.819   7.089   -2.757  1.00 20.38 ? 36  ILE A CA  1 
ATOM   250 C C   . ILE A 1 35 ? 4.160   6.298   -4.034  1.00 17.50 ? 36  ILE A C   1 
ATOM   251 O O   . ILE A 1 35 ? 4.629   5.160   -3.931  1.00 17.36 ? 36  ILE A O   1 
ATOM   252 C CB  . ILE A 1 35 ? 5.173   7.583   -2.151  1.00 25.98 ? 36  ILE A CB  1 
ATOM   253 C CG1 . ILE A 1 35 ? 4.987   8.333   -0.842  1.00 25.41 ? 36  ILE A CG1 1 
ATOM   254 C CG2 . ILE A 1 35 ? 5.957   8.361   -3.157  1.00 23.39 ? 36  ILE A CG2 1 
ATOM   255 C CD1 . ILE A 1 35 ? 6.205   8.389   0.040   1.00 40.02 ? 36  ILE A CD1 1 
ATOM   256 N N   . ALA A 1 36 ? 3.846   6.890   -5.147  1.00 17.71 ? 37  ALA A N   1 
ATOM   257 C CA  . ALA A 1 36 ? 4.045   6.393   -6.475  1.00 17.72 ? 37  ALA A CA  1 
ATOM   258 C C   . ALA A 1 36 ? 4.186   7.571   -7.472  1.00 21.14 ? 37  ALA A C   1 
ATOM   259 O O   . ALA A 1 36 ? 3.341   8.439   -7.571  1.00 20.28 ? 37  ALA A O   1 
ATOM   260 C CB  . ALA A 1 36 ? 2.981   5.448   -6.918  1.00 19.35 ? 37  ALA A CB  1 
ATOM   261 N N   . ASN A 1 37 ? 5.314   7.553   -8.200  1.00 22.82 ? 38  ASN A N   1 
ATOM   262 C CA  . ASN A 1 37 ? 5.545   8.620   -9.185  1.00 25.14 ? 38  ASN A CA  1 
ATOM   263 C C   . ASN A 1 37 ? 5.485   9.943   -8.435  1.00 22.69 ? 38  ASN A C   1 
ATOM   264 O O   . ASN A 1 37 ? 6.156   10.096  -7.409  1.00 25.66 ? 38  ASN A O   1 
ATOM   265 C CB  . ASN A 1 37 ? 4.577   8.551   -10.342 1.00 32.48 ? 38  ASN A CB  1 
ATOM   266 C CG  . ASN A 1 37 ? 4.276   7.166   -10.853 1.00 35.11 ? 38  ASN A CG  1 
ATOM   267 O OD1 . ASN A 1 37 ? 3.112   6.720   -10.917 1.00 42.28 ? 38  ASN A OD1 1 
ATOM   268 N ND2 . ASN A 1 37 ? 5.302   6.425   -11.237 1.00 33.52 ? 38  ASN A ND2 1 
ATOM   269 N N   . GLU A 1 38 ? 4.715   10.905  -8.889  1.00 22.68 ? 39  GLU A N   1 
ATOM   270 C CA  . GLU A 1 38 ? 4.646   12.186  -8.213  1.00 23.67 ? 39  GLU A CA  1 
ATOM   271 C C   . GLU A 1 38 ? 3.488   12.241  -7.201  1.00 23.89 ? 39  GLU A C   1 
ATOM   272 O O   . GLU A 1 38 ? 3.345   13.288  -6.582  1.00 25.61 ? 39  GLU A O   1 
ATOM   273 C CB  . GLU A 1 38 ? 4.378   13.252  -9.313  1.00 28.34 ? 39  GLU A CB  1 
ATOM   274 C CG  . GLU A 1 38 ? 3.014   13.149  -9.902  1.00 30.56 ? 39  GLU A CG  1 
ATOM   275 C CD  . GLU A 1 38 ? 2.693   12.028  -10.810 1.00 35.00 ? 39  GLU A CD  1 
ATOM   276 O OE1 . GLU A 1 38 ? 3.364   10.985  -10.884 1.00 38.88 ? 39  GLU A OE1 1 
ATOM   277 O OE2 . GLU A 1 38 ? 1.694   12.176  -11.597 1.00 52.23 ? 39  GLU A OE2 1 
ATOM   278 N N   . LYS A 1 39 ? 2.696   11.210  -7.116  1.00 24.16 ? 40  LYS A N   1 
ATOM   279 C CA  . LYS A 1 39 ? 1.504   11.102  -6.319  1.00 27.27 ? 40  LYS A CA  1 
ATOM   280 C C   . LYS A 1 39 ? 1.762   10.472  -4.925  1.00 24.88 ? 40  LYS A C   1 
ATOM   281 O O   . LYS A 1 39 ? 2.493   9.523   -4.782  1.00 20.21 ? 40  LYS A O   1 
ATOM   282 C CB  . LYS A 1 39 ? 0.434   10.247  -6.983  1.00 27.29 ? 40  LYS A CB  1 
ATOM   283 C CG  . LYS A 1 39 ? 0.027   10.522  -8.372  1.00 32.34 ? 40  LYS A CG  1 
ATOM   284 C CD  . LYS A 1 39 ? 0.115   9.341   -9.303  1.00 39.48 ? 40  LYS A CD  1 
ATOM   285 C CE  . LYS A 1 39 ? -0.055  9.750   -10.768 1.00 46.42 ? 40  LYS A CE  1 
ATOM   286 N NZ  . LYS A 1 39 ? 1.115   9.383   -11.609 1.00 49.83 ? 40  LYS A NZ  1 
ATOM   287 N N   . GLN A 1 40 ? 1.023   10.966  -3.968  1.00 24.36 ? 41  GLN A N   1 
ATOM   288 C CA  . GLN A 1 40 ? 1.005   10.468  -2.599  1.00 22.92 ? 41  GLN A CA  1 
ATOM   289 C C   . GLN A 1 40 ? -0.472  10.257  -2.220  1.00 25.05 ? 41  GLN A C   1 
ATOM   290 O O   . GLN A 1 40 ? -1.335  11.044  -2.603  1.00 21.49 ? 41  GLN A O   1 
ATOM   291 C CB  . GLN A 1 40 ? 1.650   11.427  -1.632  1.00 27.24 ? 41  GLN A CB  1 
ATOM   292 C CG  . GLN A 1 40 ? 3.172   11.400  -1.582  1.00 38.57 ? 41  GLN A CG  1 
ATOM   293 C CD  . GLN A 1 40 ? 3.693   12.236  -0.410  1.00 45.58 ? 41  GLN A CD  1 
ATOM   294 O OE1 . GLN A 1 40 ? 4.815   12.727  -0.424  1.00 53.83 ? 41  GLN A OE1 1 
ATOM   295 N NE2 . GLN A 1 40 ? 2.854   12.386  0.611   1.00 51.67 ? 41  GLN A NE2 1 
ATOM   296 N N   . GLY A 1 41 ? -0.720  9.147   -1.507  1.00 19.76 ? 42  GLY A N   1 
ATOM   297 C CA  . GLY A 1 41 ? -2.109  8.918   -1.122  1.00 18.33 ? 42  GLY A CA  1 
ATOM   298 C C   . GLY A 1 41 ? -2.206  8.288   0.271   1.00 20.84 ? 42  GLY A C   1 
ATOM   299 O O   . GLY A 1 41 ? -1.215  7.802   0.822   1.00 22.19 ? 42  GLY A O   1 
ATOM   300 N N   . ASN A 1 42 ? -3.400  8.343   0.814   1.00 20.44 ? 43  ASN A N   1 
ATOM   301 C CA  . ASN A 1 42 ? -3.684  7.744   2.133   1.00 18.99 ? 43  ASN A CA  1 
ATOM   302 C C   . ASN A 1 42 ? -4.135  6.307   1.830   1.00 13.54 ? 43  ASN A C   1 
ATOM   303 O O   . ASN A 1 42 ? -5.106  6.070   1.129   1.00 15.07 ? 43  ASN A O   1 
ATOM   304 C CB  . ASN A 1 42 ? -4.678  8.585   2.875   1.00 22.73 ? 43  ASN A CB  1 
ATOM   305 C CG  . ASN A 1 42 ? -5.165  7.999   4.171   1.00 24.35 ? 43  ASN A CG  1 
ATOM   306 O OD1 . ASN A 1 42 ? -4.776  6.913   4.557   1.00 18.42 ? 43  ASN A OD1 1 
ATOM   307 N ND2 . ASN A 1 42 ? -6.038  8.720   4.863   1.00 31.62 ? 43  ASN A ND2 1 
ATOM   308 N N   . LEU A 1 43 ? -3.367  5.368   2.370   1.00 13.76 ? 44  LEU A N   1 
ATOM   309 C CA  . LEU A 1 43 ? -3.578  3.965   2.096   1.00 12.79 ? 44  LEU A CA  1 
ATOM   310 C C   . LEU A 1 43 ? -4.866  3.441   2.707   1.00 12.25 ? 44  LEU A C   1 
ATOM   311 O O   . LEU A 1 43 ? -5.367  2.378   2.339   1.00 13.23 ? 44  LEU A O   1 
ATOM   312 C CB  . LEU A 1 43 ? -2.359  3.155   2.446   1.00 17.88 ? 44  LEU A CB  1 
ATOM   313 C CG  . LEU A 1 43 ? -2.271  1.726   1.980   1.00 19.77 ? 44  LEU A CG  1 
ATOM   314 C CD1 . LEU A 1 43 ? -2.308  1.479   0.528   1.00 18.62 ? 44  LEU A CD1 1 
ATOM   315 C CD2 . LEU A 1 43 ? -1.242  0.938   2.750   1.00 21.46 ? 44  LEU A CD2 1 
ATOM   316 N N   . LYS A 1 44 ? -5.386  4.243   3.643   1.00 16.38 ? 45  LYS A N   1 
ATOM   317 C CA  . LYS A 1 44 ? -6.624  3.879   4.307   1.00 15.55 ? 45  LYS A CA  1 
ATOM   318 C C   . LYS A 1 44 ? -7.836  4.165   3.448   1.00 19.03 ? 45  LYS A C   1 
ATOM   319 O O   . LYS A 1 44 ? -8.937  3.709   3.730   1.00 18.84 ? 45  LYS A O   1 
ATOM   320 C CB  . LYS A 1 44 ? -6.746  4.619   5.661   1.00 17.03 ? 45  LYS A CB  1 
ATOM   321 C CG  . LYS A 1 44 ? -5.662  4.257   6.641   1.00 17.80 ? 45  LYS A CG  1 
ATOM   322 C CD  . LYS A 1 44 ? -5.711  5.113   7.888   1.00 19.31 ? 45  LYS A CD  1 
ATOM   323 C CE  . LYS A 1 44 ? -4.738  4.560   8.937   1.00 19.70 ? 45  LYS A CE  1 
ATOM   324 N NZ  . LYS A 1 44 ? -4.809  5.399   10.183  1.00 25.48 ? 45  LYS A NZ  1 
ATOM   325 N N   . SER A 1 45 ? -7.633  4.953   2.401   1.00 18.85 ? 46  SER A N   1 
ATOM   326 C CA  . SER A 1 45 ? -8.715  5.307   1.491   1.00 18.60 ? 46  SER A CA  1 
ATOM   327 C C   . SER A 1 45 ? -8.636  4.516   0.185   1.00 18.02 ? 46  SER A C   1 
ATOM   328 O O   . SER A 1 45 ? -7.710  4.710   -0.612  1.00 17.90 ? 46  SER A O   1 
ATOM   329 C CB  . SER A 1 45 ? -8.653  6.799   1.161   1.00 16.19 ? 46  SER A CB  1 
ATOM   330 O OG  . SER A 1 45 ? -9.441  7.122   0.031   1.00 21.97 ? 46  SER A OG  1 
ATOM   331 N N   . ILE A 1 46 ? -9.648  3.693   -0.072  1.00 18.93 ? 47  ILE A N   1 
ATOM   332 C CA  . ILE A 1 46 ? -9.653  2.927   -1.308  1.00 18.18 ? 47  ILE A CA  1 
ATOM   333 C C   . ILE A 1 46 ? -9.738  3.845   -2.519  1.00 17.72 ? 47  ILE A C   1 
ATOM   334 O O   . ILE A 1 46 ? -9.157  3.604   -3.549  1.00 20.07 ? 47  ILE A O   1 
ATOM   335 C CB  . ILE A 1 46 ? -10.786 1.895   -1.384  1.00 21.17 ? 47  ILE A CB  1 
ATOM   336 C CG1 . ILE A 1 46 ? -10.785 1.191   -2.776  1.00 25.37 ? 47  ILE A CG1 1 
ATOM   337 C CG2 . ILE A 1 46 ? -12.144 2.545   -1.192  1.00 40.51 ? 47  ILE A CG2 1 
ATOM   338 C CD1 . ILE A 1 46 ? -11.364 -0.201  -2.666  1.00 32.47 ? 47  ILE A CD1 1 
ATOM   339 N N   . MET A 1 47 ? -10.546 4.924   -2.376  1.00 19.26 ? 48  MET A N   1 
ATOM   340 C CA  . MET A 1 47 ? -10.633 5.867   -3.470  1.00 16.46 ? 48  MET A CA  1 
ATOM   341 C C   . MET A 1 47 ? -9.329  6.521   -3.781  1.00 17.03 ? 48  MET A C   1 
ATOM   342 O O   . MET A 1 47 ? -8.898  6.585   -4.982  1.00 16.52 ? 48  MET A O   1 
ATOM   343 C CB  . MET A 1 47 ? -11.720 6.920   -3.170  1.00 21.96 ? 48  MET A CB  1 
ATOM   344 C CG  . MET A 1 47 ? -11.627 8.094   -4.121  1.00 24.29 ? 48  MET A CG  1 
ATOM   345 S SD  . MET A 1 47 ? -12.872 9.375   -3.892  1.00 69.12 ? 48  MET A SD  1 
ATOM   346 C CE  . MET A 1 47 ? -12.795 10.188  -5.495  1.00 53.94 ? 48  MET A CE  1 
ATOM   347 N N   . ASN A 1 48 ? -8.598  6.976   -2.788  1.00 17.00 ? 49  ASN A N   1 
ATOM   348 C CA  . ASN A 1 48 ? -7.311  7.601   -2.956  1.00 19.23 ? 49  ASN A CA  1 
ATOM   349 C C   . ASN A 1 48 ? -6.322  6.661   -3.680  1.00 15.01 ? 49  ASN A C   1 
ATOM   350 O O   . ASN A 1 48 ? -5.617  7.070   -4.577  1.00 23.83 ? 49  ASN A O   1 
ATOM   351 C CB  . ASN A 1 48 ? -6.659  7.861   -1.589  1.00 25.67 ? 49  ASN A CB  1 
ATOM   352 C CG  . ASN A 1 48 ? -6.848  9.212   -1.018  1.00 33.03 ? 49  ASN A CG  1 
ATOM   353 O OD1 . ASN A 1 48 ? -5.914  9.737   -0.369  1.00 41.60 ? 49  ASN A OD1 1 
ATOM   354 N ND2 . ASN A 1 48 ? -8.010  9.811   -1.215  1.00 36.26 ? 49  ASN A ND2 1 
ATOM   355 N N   . VAL A 1 49 ? -6.326  5.431   -3.228  1.00 16.48 ? 50  VAL A N   1 
ATOM   356 C CA  . VAL A 1 49 ? -5.414  4.427   -3.771  1.00 19.35 ? 50  VAL A CA  1 
ATOM   357 C C   . VAL A 1 49 ? -5.783  4.069   -5.181  1.00 18.71 ? 50  VAL A C   1 
ATOM   358 O O   . VAL A 1 49 ? -4.918  3.992   -6.087  1.00 20.84 ? 50  VAL A O   1 
ATOM   359 C CB  . VAL A 1 49 ? -5.317  3.228   -2.841  1.00 20.16 ? 50  VAL A CB  1 
ATOM   360 C CG1 . VAL A 1 49 ? -4.810  1.995   -3.479  1.00 28.54 ? 50  VAL A CG1 1 
ATOM   361 C CG2 . VAL A 1 49 ? -4.692  3.623   -1.526  1.00 23.13 ? 50  VAL A CG2 1 
ATOM   362 N N   . MET A 1 50 ? -7.053  3.924   -5.488  1.00 13.28 ? 51  MET A N   1 
ATOM   363 C CA  . MET A 1 50 ? -7.455  3.655   -6.854  1.00 15.23 ? 51  MET A CA  1 
ATOM   364 C C   . MET A 1 50 ? -7.162  4.828   -7.796  1.00 17.26 ? 51  MET A C   1 
ATOM   365 O O   . MET A 1 50 ? -6.816  4.597   -8.954  1.00 17.81 ? 51  MET A O   1 
ATOM   366 C CB  . MET A 1 50 ? -8.925  3.282   -6.867  1.00 18.97 ? 51  MET A CB  1 
ATOM   367 C CG  A MET A 1 50 ? -9.185  1.995   -6.076  0.60 18.23 ? 51  MET A CG  1 
ATOM   368 C CG  B MET A 1 50 ? -9.101  2.042   -5.940  0.40 17.78 ? 51  MET A CG  1 
ATOM   369 S SD  A MET A 1 50 ? -8.597  0.545   -6.877  0.60 23.81 ? 51  MET A SD  1 
ATOM   370 S SD  B MET A 1 50 ? -10.524 1.130   -6.323  0.40 21.97 ? 51  MET A SD  1 
ATOM   371 C CE  A MET A 1 50 ? -10.020 0.025   -7.820  0.60 37.57 ? 51  MET A CE  1 
ATOM   372 C CE  B MET A 1 50 ? -10.293 0.745   -8.065  0.40 34.98 ? 51  MET A CE  1 
ATOM   373 N N   . ALA A 1 51 ? -7.345  6.038   -7.335  1.00 19.10 ? 52  ALA A N   1 
ATOM   374 C CA  . ALA A 1 51 ? -7.154  7.268   -8.089  1.00 17.06 ? 52  ALA A CA  1 
ATOM   375 C C   . ALA A 1 51 ? -5.696  7.430   -8.510  1.00 21.44 ? 52  ALA A C   1 
ATOM   376 O O   . ALA A 1 51 ? -5.391  8.179   -9.416  1.00 20.18 ? 52  ALA A O   1 
ATOM   377 C CB  . ALA A 1 51 ? -7.615  8.475   -7.310  1.00 17.50 ? 52  ALA A CB  1 
ATOM   378 N N   . MET A 1 52 ? -4.827  6.769   -7.754  1.00 21.02 ? 53  MET A N   1 
ATOM   379 C CA  . MET A 1 52 ? -3.394  6.791   -8.048  1.00 18.58 ? 53  MET A CA  1 
ATOM   380 C C   . MET A 1 52 ? -3.101  5.988   -9.309  1.00 19.65 ? 53  MET A C   1 
ATOM   381 O O   . MET A 1 52 ? -2.100  6.244   -9.956  1.00 23.94 ? 53  MET A O   1 
ATOM   382 C CB  . MET A 1 52 ? -2.610  6.241   -6.848  1.00 19.40 ? 53  MET A CB  1 
ATOM   383 C CG  . MET A 1 52 ? -2.620  7.265   -5.719  1.00 22.37 ? 53  MET A CG  1 
ATOM   384 S SD  . MET A 1 52 ? -1.706  6.842   -4.316  1.00 25.32 ? 53  MET A SD  1 
ATOM   385 C CE  . MET A 1 52 ? -0.009  7.188   -4.793  1.00 23.32 ? 53  MET A CE  1 
ATOM   386 N N   . ALA A 1 53 ? -3.992  5.051   -9.597  1.00 17.65 ? 54  ALA A N   1 
ATOM   387 C CA  . ALA A 1 53 ? -3.940  4.222   -10.779 1.00 21.57 ? 54  ALA A CA  1 
ATOM   388 C C   . ALA A 1 53 ? -2.545  3.624   -10.937 1.00 25.43 ? 54  ALA A C   1 
ATOM   389 O O   . ALA A 1 53 ? -1.853  3.854   -11.913 1.00 26.23 ? 54  ALA A O   1 
ATOM   390 C CB  . ALA A 1 53 ? -4.193  5.149   -11.998 1.00 29.50 ? 54  ALA A CB  1 
ATOM   391 N N   . ILE A 1 54 ? -2.130  2.911   -9.886  1.00 18.17 ? 55  ILE A N   1 
ATOM   392 C CA  . ILE A 1 54 ? -0.750  2.387   -9.911  1.00 17.39 ? 55  ILE A CA  1 
ATOM   393 C C   . ILE A 1 54 ? -0.674  1.199   -10.787 1.00 18.27 ? 55  ILE A C   1 
ATOM   394 O O   . ILE A 1 54 ? -1.497  0.305   -10.688 1.00 20.71 ? 55  ILE A O   1 
ATOM   395 C CB  . ILE A 1 54 ? -0.337  2.066   -8.458  1.00 22.37 ? 55  ILE A CB  1 
ATOM   396 C CG1 . ILE A 1 54 ? -0.160  3.336   -7.651  1.00 22.30 ? 55  ILE A CG1 1 
ATOM   397 C CG2 . ILE A 1 54 ? 0.848   1.128   -8.424  1.00 23.40 ? 55  ILE A CG2 1 
ATOM   398 C CD1 . ILE A 1 54 ? -0.370  3.223   -6.183  1.00 19.83 ? 55  ILE A CD1 1 
ATOM   399 N N   . LYS A 1 55 ? 0.230   1.253   -11.808 1.00 17.59 ? 56  LYS A N   1 
ATOM   400 C CA  . LYS A 1 55 ? 0.212   0.073   -12.718 1.00 19.22 ? 56  LYS A CA  1 
ATOM   401 C C   . LYS A 1 55 ? 1.470   -0.777  -12.490 1.00 19.37 ? 56  LYS A C   1 
ATOM   402 O O   . LYS A 1 55 ? 2.422   -0.367  -11.822 1.00 19.81 ? 56  LYS A O   1 
ATOM   403 C CB  . LYS A 1 55 ? 0.141   0.580   -14.143 1.00 23.25 ? 56  LYS A CB  1 
ATOM   404 C CG  . LYS A 1 55 ? -1.054  1.407   -14.509 1.00 28.07 ? 56  LYS A CG  1 
ATOM   405 C CD  . LYS A 1 55 ? -2.180  0.645   -15.137 1.00 32.54 ? 56  LYS A CD  1 
ATOM   406 C CE  . LYS A 1 55 ? -3.317  1.602   -15.580 1.00 33.28 ? 56  LYS A CE  1 
ATOM   407 N NZ  . LYS A 1 55 ? -3.580  1.481   -17.033 1.00 30.23 ? 56  LYS A NZ  1 
ATOM   408 N N   . THR A 1 56 ? 1.437   -1.963  -13.062 1.00 21.19 ? 57  THR A N   1 
ATOM   409 C CA  . THR A 1 56 ? 2.553   -2.898  -12.974 1.00 20.48 ? 57  THR A CA  1 
ATOM   410 C C   . THR A 1 56 ? 3.893   -2.211  -13.305 1.00 21.86 ? 57  THR A C   1 
ATOM   411 O O   . THR A 1 56 ? 3.962   -1.388  -14.245 1.00 16.15 ? 57  THR A O   1 
ATOM   412 C CB  . THR A 1 56 ? 2.342   -3.986  -14.065 1.00 18.84 ? 57  THR A CB  1 
ATOM   413 O OG1 . THR A 1 56 ? 1.017   -4.473  -13.956 1.00 21.69 ? 57  THR A OG1 1 
ATOM   414 C CG2 . THR A 1 56 ? 3.372   -5.040  -14.015 1.00 19.71 ? 57  THR A CG2 1 
ATOM   415 N N   . GLY A 1 57 ? 4.904   -2.573  -12.568 1.00 21.42 ? 58  GLY A N   1 
ATOM   416 C CA  . GLY A 1 57 ? 6.265   -2.123  -12.696 1.00 19.45 ? 58  GLY A CA  1 
ATOM   417 C C   . GLY A 1 57 ? 6.581   -0.898  -11.915 1.00 20.49 ? 58  GLY A C   1 
ATOM   418 O O   . GLY A 1 57 ? 7.702   -0.443  -11.727 1.00 19.33 ? 58  GLY A O   1 
ATOM   419 N N   . THR A 1 58 ? 5.472   -0.311  -11.365 1.00 18.07 ? 59  THR A N   1 
ATOM   420 C CA  . THR A 1 58 ? 5.640   0.888   -10.598 1.00 18.75 ? 59  THR A CA  1 
ATOM   421 C C   . THR A 1 58 ? 6.285   0.572   -9.255  1.00 18.17 ? 59  THR A C   1 
ATOM   422 O O   . THR A 1 58 ? 5.942   -0.401  -8.601  1.00 21.61 ? 59  THR A O   1 
ATOM   423 C CB  . THR A 1 58 ? 4.289   1.603   -10.346 1.00 20.40 ? 59  THR A CB  1 
ATOM   424 O OG1 . THR A 1 58 ? 3.686   1.877   -11.627 1.00 25.86 ? 59  THR A OG1 1 
ATOM   425 C CG2 . THR A 1 58 ? 4.467   2.926   -9.644  1.00 24.45 ? 59  THR A CG2 1 
ATOM   426 N N   . GLU A 1 59 ? 7.239   1.387   -8.876  1.00 20.99 ? 60  GLU A N   1 
ATOM   427 C CA  . GLU A 1 59 ? 7.879   1.245   -7.593  1.00 23.59 ? 60  GLU A CA  1 
ATOM   428 C C   . GLU A 1 59 ? 7.098   2.187   -6.622  1.00 25.59 ? 60  GLU A C   1 
ATOM   429 O O   . GLU A 1 59 ? 6.959   3.365   -6.837  1.00 23.56 ? 60  GLU A O   1 
ATOM   430 C CB  . GLU A 1 59 ? 9.333   1.711   -7.583  1.00 27.16 ? 60  GLU A CB  1 
ATOM   431 C CG  . GLU A 1 59 ? 10.003  1.387   -6.235  1.00 33.35 ? 60  GLU A CG  1 
ATOM   432 C CD  . GLU A 1 59 ? 11.472  1.815   -6.235  1.00 41.69 ? 60  GLU A CD  1 
ATOM   433 O OE1 . GLU A 1 59 ? 11.715  3.027   -6.151  1.00 43.88 ? 60  GLU A OE1 1 
ATOM   434 O OE2 . GLU A 1 59 ? 12.349  0.917   -6.311  1.00 46.87 ? 60  GLU A OE2 1 
ATOM   435 N N   . ILE A 1 60 ? 6.595   1.514   -5.590  1.00 21.02 ? 61  ILE A N   1 
ATOM   436 C CA  . ILE A 1 60 ? 5.839   2.264   -4.598  1.00 18.49 ? 61  ILE A CA  1 
ATOM   437 C C   . ILE A 1 60 ? 6.630   2.253   -3.290  1.00 18.42 ? 61  ILE A C   1 
ATOM   438 O O   . ILE A 1 60 ? 7.452   1.386   -3.043  1.00 20.87 ? 61  ILE A O   1 
ATOM   439 C CB  . ILE A 1 60 ? 4.477   1.633   -4.382  1.00 15.97 ? 61  ILE A CB  1 
ATOM   440 C CG1 . ILE A 1 60 ? 4.543   0.171   -3.873  1.00 20.55 ? 61  ILE A CG1 1 
ATOM   441 C CG2 . ILE A 1 60 ? 3.643   1.729   -5.649  1.00 19.99 ? 61  ILE A CG2 1 
ATOM   442 C CD1 . ILE A 1 60 ? 3.571   -0.137  -2.771  1.00 26.88 ? 61  ILE A CD1 1 
ATOM   443 N N   . THR A 1 61 ? 6.276   3.241   -2.478  1.00 15.40 ? 62  THR A N   1 
ATOM   444 C CA  . THR A 1 61 ? 6.857   3.367   -1.166  1.00 16.81 ? 62  THR A CA  1 
ATOM   445 C C   . THR A 1 61 ? 5.692   3.546   -0.177  1.00 17.84 ? 62  THR A C   1 
ATOM   446 O O   . THR A 1 61 ? 4.765   4.259   -0.509  1.00 13.98 ? 62  THR A O   1 
ATOM   447 C CB  . THR A 1 61 ? 7.769   4.611   -1.077  1.00 19.41 ? 62  THR A CB  1 
ATOM   448 O OG1 . THR A 1 61 ? 8.874   4.371   -1.986  1.00 23.32 ? 62  THR A OG1 1 
ATOM   449 C CG2 . THR A 1 61 ? 8.387   4.635   0.317   1.00 18.82 ? 62  THR A CG2 1 
ATOM   450 N N   . ILE A 1 62 ? 5.745   2.770   0.877   1.00 18.51 ? 63  ILE A N   1 
ATOM   451 C CA  . ILE A 1 62 ? 4.758   2.881   1.927   1.00 18.39 ? 63  ILE A CA  1 
ATOM   452 C C   . ILE A 1 62 ? 5.471   3.452   3.177   1.00 19.12 ? 63  ILE A C   1 
ATOM   453 O O   . ILE A 1 62 ? 6.543   2.964   3.565   1.00 19.37 ? 63  ILE A O   1 
ATOM   454 C CB  . ILE A 1 62 ? 4.093   1.560   2.290   1.00 16.19 ? 63  ILE A CB  1 
ATOM   455 C CG1 . ILE A 1 62 ? 3.435   0.852   1.141   1.00 20.75 ? 63  ILE A CG1 1 
ATOM   456 C CG2 . ILE A 1 62 ? 3.125   1.756   3.453   1.00 20.71 ? 63  ILE A CG2 1 
ATOM   457 C CD1 . ILE A 1 62 ? 2.221   1.538   0.598   1.00 25.95 ? 63  ILE A CD1 1 
ATOM   458 N N   . GLN A 1 63 ? 4.915   4.515   3.688   1.00 17.29 ? 64  GLN A N   1 
ATOM   459 C CA  . GLN A 1 63 ? 5.453   5.224   4.826   1.00 22.25 ? 64  GLN A CA  1 
ATOM   460 C C   . GLN A 1 63 ? 4.393   5.194   5.960   1.00 21.70 ? 64  GLN A C   1 
ATOM   461 O O   . GLN A 1 63 ? 3.274   5.574   5.681   1.00 19.44 ? 64  GLN A O   1 
ATOM   462 C CB  . GLN A 1 63 ? 5.748   6.692   4.517   1.00 26.53 ? 64  GLN A CB  1 
ATOM   463 C CG  . GLN A 1 63 ? 6.434   7.449   5.649   1.00 34.95 ? 64  GLN A CG  1 
ATOM   464 C CD  . GLN A 1 63 ? 7.804   7.987   5.197   1.00 42.74 ? 64  GLN A CD  1 
ATOM   465 O OE1 . GLN A 1 63 ? 8.826   7.407   5.542   1.00 54.62 ? 64  GLN A OE1 1 
ATOM   466 N NE2 . GLN A 1 63 ? 7.799   9.053   4.414   1.00 45.23 ? 64  GLN A NE2 1 
ATOM   467 N N   . ALA A 1 64 ? 4.810   4.718   7.101   1.00 21.28 ? 65  ALA A N   1 
ATOM   468 C CA  . ALA A 1 64 ? 3.865   4.680   8.251   1.00 20.72 ? 65  ALA A CA  1 
ATOM   469 C C   . ALA A 1 64 ? 4.476   5.593   9.330   1.00 22.06 ? 65  ALA A C   1 
ATOM   470 O O   . ALA A 1 64 ? 5.674   5.501   9.602   1.00 21.98 ? 65  ALA A O   1 
ATOM   471 C CB  . ALA A 1 64 ? 3.708   3.278   8.735   1.00 16.22 ? 65  ALA A CB  1 
ATOM   472 N N   . ASP A 1 65 ? 3.675   6.463   9.881   1.00 19.33 ? 66  ASP A N   1 
ATOM   473 C CA  . ASP A 1 65 ? 4.161   7.361   10.934  1.00 26.45 ? 66  ASP A CA  1 
ATOM   474 C C   . ASP A 1 65 ? 3.160   7.315   12.073  1.00 27.55 ? 66  ASP A C   1 
ATOM   475 O O   . ASP A 1 65 ? 1.951   7.506   11.956  1.00 22.69 ? 66  ASP A O   1 
ATOM   476 C CB  . ASP A 1 65 ? 4.463   8.747   10.438  1.00 30.90 ? 66  ASP A CB  1 
ATOM   477 C CG  . ASP A 1 65 ? 5.354   8.733   9.190   1.00 41.07 ? 66  ASP A CG  1 
ATOM   478 O OD1 . ASP A 1 65 ? 6.514   8.270   9.295   1.00 57.01 ? 66  ASP A OD1 1 
ATOM   479 O OD2 . ASP A 1 65 ? 4.877   9.147   8.106   1.00 45.64 ? 66  ASP A OD2 1 
ATOM   480 N N   . GLY A 1 66 ? 3.698   6.925   13.230  1.00 23.70 ? 67  GLY A N   1 
ATOM   481 C CA  . GLY A 1 66 ? 2.795   6.793   14.350  1.00 22.86 ? 67  GLY A CA  1 
ATOM   482 C C   . GLY A 1 66 ? 3.230   5.716   15.281  1.00 22.50 ? 67  GLY A C   1 
ATOM   483 O O   . GLY A 1 66 ? 4.226   5.031   15.092  1.00 21.98 ? 67  GLY A O   1 
ATOM   484 N N   . ASN A 1 67 ? 2.451   5.575   16.353  1.00 22.68 ? 68  ASN A N   1 
ATOM   485 C CA  . ASN A 1 67 ? 2.846   4.686   17.432  1.00 24.87 ? 68  ASN A CA  1 
ATOM   486 C C   . ASN A 1 67 ? 2.904   3.253   17.087  1.00 25.48 ? 68  ASN A C   1 
ATOM   487 O O   . ASN A 1 67 ? 3.654   2.475   17.694  1.00 26.84 ? 68  ASN A O   1 
ATOM   488 C CB  . ASN A 1 67 ? 2.124   5.064   18.700  1.00 37.15 ? 68  ASN A CB  1 
ATOM   489 C CG  . ASN A 1 67 ? 1.118   4.056   19.183  1.00 46.37 ? 68  ASN A CG  1 
ATOM   490 O OD1 . ASN A 1 67 ? 0.047   3.921   18.593  1.00 58.41 ? 68  ASN A OD1 1 
ATOM   491 N ND2 . ASN A 1 67 ? 1.478   3.356   20.271  1.00 49.83 ? 68  ASN A ND2 1 
ATOM   492 N N   . ASP A 1 68 ? 2.117   2.846   16.062  1.00 19.04 ? 69  ASP A N   1 
ATOM   493 C CA  . ASP A 1 68 ? 2.127   1.418   15.681  1.00 17.50 ? 69  ASP A CA  1 
ATOM   494 C C   . ASP A 1 68 ? 2.711   1.204   14.327  1.00 16.99 ? 69  ASP A C   1 
ATOM   495 O O   . ASP A 1 68 ? 2.530   0.180   13.628  1.00 16.41 ? 69  ASP A O   1 
ATOM   496 C CB  . ASP A 1 68 ? 0.716   0.877   15.801  1.00 17.97 ? 69  ASP A CB  1 
ATOM   497 C CG  . ASP A 1 68 ? -0.358  1.540   15.045  1.00 17.99 ? 69  ASP A CG  1 
ATOM   498 O OD1 . ASP A 1 68 ? -0.094  2.430   14.194  1.00 20.47 ? 69  ASP A OD1 1 
ATOM   499 O OD2 . ASP A 1 68 ? -1.561  1.131   15.216  1.00 19.35 ? 69  ASP A OD2 1 
ATOM   500 N N   . ALA A 1 69 ? 3.520   2.177   13.896  1.00 17.12 ? 70  ALA A N   1 
ATOM   501 C CA  . ALA A 1 69 ? 4.115   2.132   12.586  1.00 17.64 ? 70  ALA A CA  1 
ATOM   502 C C   . ALA A 1 69 ? 4.858   0.876   12.275  1.00 18.07 ? 70  ALA A C   1 
ATOM   503 O O   . ALA A 1 69 ? 4.844   0.341   11.148  1.00 18.40 ? 70  ALA A O   1 
ATOM   504 C CB  . ALA A 1 69 ? 4.994   3.373   12.339  1.00 16.62 ? 70  ALA A CB  1 
ATOM   505 N N   . ASP A 1 70 ? 5.639   0.399   13.276  1.00 19.66 ? 71  ASP A N   1 
ATOM   506 C CA  . ASP A 1 70 ? 6.431   -0.793  12.953  1.00 20.00 ? 71  ASP A CA  1 
ATOM   507 C C   . ASP A 1 70 ? 5.567   -1.970  12.627  1.00 19.08 ? 71  ASP A C   1 
ATOM   508 O O   . ASP A 1 70 ? 5.882   -2.768  11.769  1.00 22.36 ? 71  ASP A O   1 
ATOM   509 C CB  . ASP A 1 70 ? 7.374   -1.105  14.113  1.00 25.29 ? 71  ASP A CB  1 
ATOM   510 C CG  . ASP A 1 70 ? 8.493   -0.066  14.183  1.00 37.33 ? 71  ASP A CG  1 
ATOM   511 O OD1 . ASP A 1 70 ? 8.789   0.525   13.114  1.00 37.33 ? 71  ASP A OD1 1 
ATOM   512 O OD2 . ASP A 1 70 ? 9.038   0.137   15.289  1.00 51.65 ? 71  ASP A OD2 1 
ATOM   513 N N   . GLN A 1 71 ? 4.426   -2.102  13.360  1.00 17.76 ? 72  GLN A N   1 
ATOM   514 C CA  . GLN A 1 71 ? 3.555   -3.254  13.081  1.00 17.10 ? 72  GLN A CA  1 
ATOM   515 C C   . GLN A 1 71 ? 2.855   -3.037  11.725  1.00 15.78 ? 72  GLN A C   1 
ATOM   516 O O   . GLN A 1 71 ? 2.753   -3.925  10.929  1.00 17.63 ? 72  GLN A O   1 
ATOM   517 C CB  . GLN A 1 71 ? 2.506   -3.429  14.173  1.00 20.63 ? 72  GLN A CB  1 
ATOM   518 C CG  . GLN A 1 71 ? 2.966   -3.687  15.548  1.00 20.42 ? 72  GLN A CG  1 
ATOM   519 C CD  . GLN A 1 71 ? 1.827   -3.760  16.581  1.00 27.54 ? 72  GLN A CD  1 
ATOM   520 O OE1 . GLN A 1 71 ? 0.915   -2.941  16.586  1.00 32.97 ? 72  GLN A OE1 1 
ATOM   521 N NE2 . GLN A 1 71 ? 1.905   -4.744  17.449  1.00 28.68 ? 72  GLN A NE2 1 
ATOM   522 N N   . ALA A 1 72 ? 2.394   -1.805  11.558  1.00 16.95 ? 73  ALA A N   1 
ATOM   523 C CA  . ALA A 1 72 ? 1.669   -1.396  10.370  1.00 20.05 ? 73  ALA A CA  1 
ATOM   524 C C   . ALA A 1 72 ? 2.457   -1.728  9.113   1.00 18.10 ? 73  ALA A C   1 
ATOM   525 O O   . ALA A 1 72 ? 1.908   -2.252  8.155   1.00 15.40 ? 73  ALA A O   1 
ATOM   526 C CB  . ALA A 1 72 ? 1.325   0.075   10.415  1.00 18.38 ? 73  ALA A CB  1 
ATOM   527 N N   . ILE A 1 73 ? 3.736   -1.380  9.097   1.00 18.44 ? 74  ILE A N   1 
ATOM   528 C CA  . ILE A 1 73 ? 4.528   -1.632  7.876   1.00 19.46 ? 74  ILE A CA  1 
ATOM   529 C C   . ILE A 1 73 ? 4.607   -3.102  7.554   1.00 17.95 ? 74  ILE A C   1 
ATOM   530 O O   . ILE A 1 73 ? 4.418   -3.555  6.411   1.00 18.90 ? 74  ILE A O   1 
ATOM   531 C CB  . ILE A 1 73 ? 5.924   -1.012  8.080   1.00 23.60 ? 74  ILE A CB  1 
ATOM   532 C CG1 . ILE A 1 73 ? 5.941   0.477   7.667   1.00 29.10 ? 74  ILE A CG1 1 
ATOM   533 C CG2 . ILE A 1 73 ? 7.022   -1.750  7.383   1.00 40.15 ? 74  ILE A CG2 1 
ATOM   534 C CD1 . ILE A 1 73 ? 5.613   0.661   6.220   1.00 27.02 ? 74  ILE A CD1 1 
ATOM   535 N N   . GLN A 1 74 ? 4.802   -3.943  8.585   1.00 17.97 ? 75  GLN A N   1 
ATOM   536 C CA  . GLN A 1 74 ? 4.867   -5.384  8.361   1.00 15.82 ? 75  GLN A CA  1 
ATOM   537 C C   . GLN A 1 74 ? 3.535   -5.943  7.902   1.00 17.86 ? 75  GLN A C   1 
ATOM   538 O O   . GLN A 1 74 ? 3.488   -6.805  7.011   1.00 18.42 ? 75  GLN A O   1 
ATOM   539 C CB  . GLN A 1 74 ? 5.397   -6.115  9.585   1.00 17.80 ? 75  GLN A CB  1 
ATOM   540 C CG  . GLN A 1 74 ? 6.759   -5.695  10.045  1.00 18.85 ? 75  GLN A CG  1 
ATOM   541 C CD  . GLN A 1 74 ? 7.860   -5.812  9.012   1.00 25.43 ? 75  GLN A CD  1 
ATOM   542 O OE1 . GLN A 1 74 ? 7.753   -6.575  8.061   1.00 27.86 ? 75  GLN A OE1 1 
ATOM   543 N NE2 . GLN A 1 74 ? 8.961   -5.109  9.270   1.00 37.30 ? 75  GLN A NE2 1 
ATOM   544 N N   . ALA A 1 75 ? 2.467   -5.435  8.544   1.00 16.85 ? 76  ALA A N   1 
ATOM   545 C CA  . ALA A 1 75 ? 1.124   -5.872  8.232   1.00 15.09 ? 76  ALA A CA  1 
ATOM   546 C C   . ALA A 1 75 ? 0.820   -5.565  6.757   1.00 15.54 ? 76  ALA A C   1 
ATOM   547 O O   . ALA A 1 75 ? 0.385   -6.446  6.039   1.00 17.63 ? 76  ALA A O   1 
ATOM   548 C CB  . ALA A 1 75 ? 0.103   -5.285  9.151   1.00 13.80 ? 76  ALA A CB  1 
ATOM   549 N N   . ILE A 1 76 ? 1.143   -4.338  6.357   1.00 15.11 ? 77  ILE A N   1 
ATOM   550 C CA  . ILE A 1 76 ? 0.927   -3.916  4.976   1.00 16.34 ? 77  ILE A CA  1 
ATOM   551 C C   . ILE A 1 76 ? 1.807   -4.693  3.987   1.00 14.33 ? 77  ILE A C   1 
ATOM   552 O O   . ILE A 1 76 ? 1.352   -5.151  2.957   1.00 16.96 ? 77  ILE A O   1 
ATOM   553 C CB  . ILE A 1 76 ? 1.107   -2.414  4.824   1.00 17.11 ? 77  ILE A CB  1 
ATOM   554 C CG1 . ILE A 1 76 ? 0.101   -1.574  5.595   1.00 17.49 ? 77  ILE A CG1 1 
ATOM   555 C CG2 . ILE A 1 76 ? 1.130   -2.024  3.329   1.00 18.78 ? 77  ILE A CG2 1 
ATOM   556 C CD1 . ILE A 1 76 ? -1.333  -1.943  5.375   1.00 22.93 ? 77  ILE A CD1 1 
ATOM   557 N N   . LYS A 1 77 ? 3.072   -4.885  4.326   1.00 15.75 ? 78  LYS A N   1 
ATOM   558 C CA  . LYS A 1 77 ? 3.955   -5.653  3.445   1.00 12.97 ? 78  LYS A CA  1 
ATOM   559 C C   . LYS A 1 77 ? 3.412   -7.051  3.280   1.00 15.10 ? 78  LYS A C   1 
ATOM   560 O O   . LYS A 1 77 ? 3.226   -7.593  2.184   1.00 16.42 ? 78  LYS A O   1 
ATOM   561 C CB  . LYS A 1 77 ? 5.375   -5.606  4.022   1.00 14.24 ? 78  LYS A CB  1 
ATOM   562 C CG  . LYS A 1 77 ? 6.419   -6.363  3.254   1.00 21.22 ? 78  LYS A CG  1 
ATOM   563 C CD  . LYS A 1 77 ? 7.744   -6.406  4.048   1.00 31.11 ? 78  LYS A CD  1 
ATOM   564 C CE  . LYS A 1 77 ? 8.482   -7.708  3.692   1.00 39.35 ? 78  LYS A CE  1 
ATOM   565 N NZ  . LYS A 1 77 ? 9.829   -7.726  4.371   1.00 50.14 ? 78  LYS A NZ  1 
ATOM   566 N N   . GLN A 1 78 ? 3.064   -7.681  4.414   1.00 17.51 ? 79  GLN A N   1 
ATOM   567 C CA  . GLN A 1 78 ? 2.536   -9.060  4.288   1.00 20.00 ? 79  GLN A CA  1 
ATOM   568 C C   . GLN A 1 78 ? 1.286   -9.117  3.455   1.00 16.64 ? 79  GLN A C   1 
ATOM   569 O O   . GLN A 1 78 ? 1.063   -10.033 2.668   1.00 16.71 ? 79  GLN A O   1 
ATOM   570 C CB  . GLN A 1 78 ? 2.245   -9.639  5.681   1.00 23.99 ? 79  GLN A CB  1 
ATOM   571 C CG  . GLN A 1 78 ? 1.753   -11.102 5.559   1.00 32.15 ? 79  GLN A CG  1 
ATOM   572 C CD  . GLN A 1 78 ? 2.861   -11.972 4.972   1.00 39.79 ? 79  GLN A CD  1 
ATOM   573 O OE1 . GLN A 1 78 ? 4.017   -11.827 5.381   1.00 48.42 ? 79  GLN A OE1 1 
ATOM   574 N NE2 . GLN A 1 78 ? 2.506   -12.774 3.965   1.00 40.89 ? 79  GLN A NE2 1 
ATOM   575 N N   . THR A 1 79 ? 0.411   -8.119  3.662   1.00 14.76 ? 80  THR A N   1 
ATOM   576 C CA  . THR A 1 79 ? -0.812  -8.040  2.898   1.00 16.50 ? 80  THR A CA  1 
ATOM   577 C C   . THR A 1 79 ? -0.543  -7.967  1.394   1.00 14.83 ? 80  THR A C   1 
ATOM   578 O O   . THR A 1 79 ? -1.233  -8.623  0.611   1.00 19.05 ? 80  THR A O   1 
ATOM   579 C CB  . THR A 1 79 ? -1.711  -6.865  3.324   1.00 19.21 ? 80  THR A CB  1 
ATOM   580 O OG1 . THR A 1 79 ? -2.098  -7.127  4.695   1.00 19.94 ? 80  THR A OG1 1 
ATOM   581 C CG2 . THR A 1 79 ? -3.029  -6.901  2.520   1.00 19.67 ? 80  THR A CG2 1 
ATOM   582 N N   . MET A 1 80 ? 0.450   -7.170  1.017   1.00 15.35 ? 81  MET A N   1 
ATOM   583 C CA  . MET A 1 80 ? 0.772   -7.055  -0.407  1.00 15.63 ? 81  MET A CA  1 
ATOM   584 C C   . MET A 1 80 ? 1.277   -8.373  -0.986  1.00 17.99 ? 81  MET A C   1 
ATOM   585 O O   . MET A 1 80 ? 0.987   -8.713  -2.113  1.00 20.06 ? 81  MET A O   1 
ATOM   586 C CB  . MET A 1 80 ? 1.831   -5.970  -0.640  1.00 13.49 ? 81  MET A CB  1 
ATOM   587 C CG  . MET A 1 80 ? 1.188   -4.605  -0.352  1.00 16.03 ? 81  MET A CG  1 
ATOM   588 S SD  . MET A 1 80 ? 2.350   -3.273  -0.695  1.00 24.74 ? 81  MET A SD  1 
ATOM   589 C CE  . MET A 1 80 ? 1.215   -1.868  -0.511  1.00 38.67 ? 81  MET A CE  1 
ATOM   590 N N   . ILE A 1 81 ? 2.043   -9.066  -0.148  1.00 18.19 ? 82  ILE A N   1 
ATOM   591 C CA  . ILE A 1 81 ? 2.588   -10.344 -0.574  1.00 23.43 ? 82  ILE A CA  1 
ATOM   592 C C   . ILE A 1 81 ? 1.445   -11.339 -0.719  1.00 25.15 ? 82  ILE A C   1 
ATOM   593 O O   . ILE A 1 81 ? 1.324   -12.055 -1.701  1.00 24.82 ? 82  ILE A O   1 
ATOM   594 C CB  . ILE A 1 81 ? 3.614   -10.859 0.444   1.00 24.28 ? 82  ILE A CB  1 
ATOM   595 C CG1 . ILE A 1 81 ? 4.945   -10.132 0.318   1.00 24.71 ? 82  ILE A CG1 1 
ATOM   596 C CG2 . ILE A 1 81 ? 3.787   -12.375 0.302   1.00 30.91 ? 82  ILE A CG2 1 
ATOM   597 C CD1 . ILE A 1 81 ? 5.788   -10.031 1.525   1.00 27.28 ? 82  ILE A CD1 1 
ATOM   598 N N   . ASP A 1 82 ? 0.610   -11.330 0.326   1.00 25.14 ? 83  ASP A N   1 
ATOM   599 C CA  . ASP A 1 82 ? -0.514  -12.260 0.339   1.00 25.62 ? 83  ASP A CA  1 
ATOM   600 C C   . ASP A 1 82 ? -1.443  -12.016 -0.834  1.00 26.64 ? 83  ASP A C   1 
ATOM   601 O O   . ASP A 1 82 ? -2.135  -12.901 -1.300  1.00 34.42 ? 83  ASP A O   1 
ATOM   602 C CB  . ASP A 1 82 ? -1.309  -12.099 1.639   1.00 29.91 ? 83  ASP A CB  1 
ATOM   603 C CG  . ASP A 1 82 ? -0.670  -12.774 2.830   1.00 32.09 ? 83  ASP A CG  1 
ATOM   604 O OD1 . ASP A 1 82 ? 0.388   -13.401 2.684   1.00 28.84 ? 83  ASP A OD1 1 
ATOM   605 O OD2 . ASP A 1 82 ? -1.170  -12.516 3.967   1.00 39.19 ? 83  ASP A OD2 1 
ATOM   606 N N   . THR A 1 83 ? -1.587  -10.739 -1.238  1.00 24.06 ? 84  THR A N   1 
ATOM   607 C CA  . THR A 1 83 ? -2.554  -10.511 -2.331  1.00 25.23 ? 84  THR A CA  1 
ATOM   608 C C   . THR A 1 83 ? -1.815  -10.660 -3.669  1.00 22.93 ? 84  THR A C   1 
ATOM   609 O O   . THR A 1 83 ? -2.365  -10.478 -4.743  1.00 27.41 ? 84  THR A O   1 
ATOM   610 C CB  . THR A 1 83 ? -3.267  -9.193  -2.181  1.00 26.76 ? 84  THR A CB  1 
ATOM   611 O OG1 . THR A 1 83 ? -2.341  -8.107  -2.070  1.00 28.21 ? 84  THR A OG1 1 
ATOM   612 C CG2 . THR A 1 83 ? -4.202  -9.152  -0.992  1.00 18.50 ? 84  THR A CG2 1 
ATOM   613 N N   . ALA A 1 84 ? -0.552  -11.046 -3.599  1.00 23.64 ? 85  ALA A N   1 
ATOM   614 C CA  . ALA A 1 84 ? 0.237   -11.221 -4.836  1.00 25.74 ? 85  ALA A CA  1 
ATOM   615 C C   . ALA A 1 84 ? 0.463   -9.915  -5.543  1.00 25.43 ? 85  ALA A C   1 
ATOM   616 O O   . ALA A 1 84 ? 0.656   -9.824  -6.763  1.00 30.07 ? 85  ALA A O   1 
ATOM   617 C CB  . ALA A 1 84 ? -0.432  -12.264 -5.736  1.00 25.95 ? 85  ALA A CB  1 
ATOM   618 N N   . LEU A 1 85 ? 0.436   -8.786  -4.807  1.00 20.34 ? 86  LEU A N   1 
ATOM   619 C CA  . LEU A 1 85 ? 0.652   -7.508  -5.496  1.00 17.34 ? 86  LEU A CA  1 
ATOM   620 C C   . LEU A 1 85 ? 2.135   -7.291  -5.793  1.00 22.16 ? 86  LEU A C   1 
ATOM   621 O O   . LEU A 1 85 ? 2.562   -6.545  -6.660  1.00 24.38 ? 86  LEU A O   1 
ATOM   622 C CB  . LEU A 1 85 ? 0.181   -6.391  -4.555  1.00 16.90 ? 86  LEU A CB  1 
ATOM   623 C CG  . LEU A 1 85 ? 0.029   -5.010  -5.173  1.00 21.89 ? 86  LEU A CG  1 
ATOM   624 C CD1 . LEU A 1 85 ? -1.045  -4.995  -6.263  1.00 21.07 ? 86  LEU A CD1 1 
ATOM   625 C CD2 . LEU A 1 85 ? -0.468  -4.029  -4.034  1.00 27.88 ? 86  LEU A CD2 1 
ATOM   626 N N   . ILE A 1 86 ? 2.942   -7.853  -4.912  1.00 19.03 ? 87  ILE A N   1 
ATOM   627 C CA  . ILE A 1 86 ? 4.359   -7.742  -4.932  1.00 18.52 ? 87  ILE A CA  1 
ATOM   628 C C   . ILE A 1 86 ? 4.923   -9.149  -4.699  1.00 23.95 ? 87  ILE A C   1 
ATOM   629 O O   . ILE A 1 86 ? 4.138   -10.036 -4.335  1.00 21.68 ? 87  ILE A O   1 
ATOM   630 C CB  . ILE A 1 86 ? 4.947   -6.749  -3.905  1.00 21.54 ? 87  ILE A CB  1 
ATOM   631 C CG1 . ILE A 1 86 ? 4.945   -7.243  -2.451  1.00 22.81 ? 87  ILE A CG1 1 
ATOM   632 C CG2 . ILE A 1 86 ? 4.230   -5.416  -4.021  1.00 22.94 ? 87  ILE A CG2 1 
ATOM   633 C CD1 . ILE A 1 86 ? 5.669   -6.336  -1.499  1.00 21.60 ? 87  ILE A CD1 1 
ATOM   634 N N   . GLN A 1 87 ? 6.203   -9.273  -4.902  1.00 25.71 ? 88  GLN A N   1 
ATOM   635 C CA  . GLN A 1 87 ? 6.863   -10.568 -4.658  1.00 31.92 ? 88  GLN A CA  1 
ATOM   636 C C   . GLN A 1 87 ? 7.423   -10.622 -3.277  1.00 30.99 ? 88  GLN A C   1 
ATOM   637 O O   . GLN A 1 87 ? 7.937   -9.658  -2.696  1.00 30.67 ? 88  GLN A O   1 
ATOM   638 C CB  . GLN A 1 87 ? 7.843   -10.834 -5.775  1.00 36.13 ? 88  GLN A CB  1 
ATOM   639 C CG  . GLN A 1 87 ? 7.057   -11.009 -7.121  1.00 44.43 ? 88  GLN A CG  1 
ATOM   640 C CD  . GLN A 1 87 ? 7.926   -11.765 -8.113  1.00 50.10 ? 88  GLN A CD  1 
ATOM   641 O OE1 . GLN A 1 87 ? 7.425   -12.506 -8.950  1.00 59.94 ? 88  GLN A OE1 1 
ATOM   642 N NE2 . GLN A 1 87 ? 9.223   -11.571 -7.960  1.00 55.05 ? 88  GLN A NE2 1 
ATOM   643 N N   . GLY A 1 88 ? 7.262   -11.785 -2.612  1.00 35.12 ? 89  GLY A N   1 
ATOM   644 C CA  . GLY A 1 88 ? 7.816   -11.795 -1.236  1.00 38.59 ? 89  GLY A CA  1 
ATOM   645 C C   . GLY A 1 88 ? 9.328   -12.074 -1.300  1.00 40.98 ? 89  GLY A C   1 
ATOM   646 O O   . GLY A 1 88 ? 9.823   -12.337 -2.413  1.00 38.54 ? 89  GLY A O   1 
ATOM   647 O OXT . GLY A 1 88 ? 9.965   -12.048 -0.229  1.00 30.75 ? 89  GLY A OXT 1 
HETATM 648 S S   . SO4 B 2 .  ? -12.744 5.341   1.374   1.00 49.13 ? 90  SO4 A S   1 
HETATM 649 O O1  . SO4 B 2 .  ? -14.228 5.161   1.626   1.00 50.54 ? 90  SO4 A O1  1 
HETATM 650 O O2  . SO4 B 2 .  ? -12.066 4.020   1.641   1.00 47.75 ? 90  SO4 A O2  1 
HETATM 651 O O3  . SO4 B 2 .  ? -12.521 5.816   0.002   1.00 47.67 ? 90  SO4 A O3  1 
HETATM 652 O O4  . SO4 B 2 .  ? -12.229 6.334   2.383   1.00 49.94 ? 90  SO4 A O4  1 
HETATM 653 O O   . HOH C 3 .  ? -3.950  2.266   -7.974  1.00 23.75 ? 101 HOH A O   1 
HETATM 654 O O   . HOH C 3 .  ? -3.746  8.968   -11.437 1.00 30.53 ? 102 HOH A O   1 
HETATM 655 O O   . HOH C 3 .  ? -2.374  2.518   19.184  0.70 32.12 ? 103 HOH A O   1 
HETATM 656 O O   . HOH C 3 .  ? 1.554   3.583   -12.530 1.00 28.06 ? 104 HOH A O   1 
HETATM 657 O O   . HOH C 3 .  ? -3.297  7.250   6.857   1.00 20.03 ? 105 HOH A O   1 
HETATM 658 O O   . HOH C 3 .  ? 2.439   -0.937  -16.544 1.00 31.16 ? 106 HOH A O   1 
HETATM 659 O O   . HOH C 3 .  ? 2.560   8.345   6.379   1.00 27.38 ? 107 HOH A O   1 
HETATM 660 O O   . HOH C 3 .  ? 11.106  -12.661 -6.498  1.00 28.70 ? 108 HOH A O   1 
HETATM 661 O O   . HOH C 3 .  ? -3.287  -8.090  -6.346  1.00 34.11 ? 109 HOH A O   1 
HETATM 662 O O   . HOH C 3 .  ? -9.949  -6.318  -8.570  1.00 30.53 ? 110 HOH A O   1 
HETATM 663 O O   . HOH C 3 .  ? 9.197   -6.937  -2.967  1.00 39.52 ? 111 HOH A O   1 
HETATM 664 O O   . HOH C 3 .  ? -0.776  13.208  -4.545  0.70 39.35 ? 112 HOH A O   1 
HETATM 665 O O   . HOH C 3 .  ? -0.388  7.034   15.954  0.90 31.67 ? 113 HOH A O   1 
HETATM 666 O O   . HOH C 3 .  ? -10.063 -2.734  -10.185 1.00 32.30 ? 114 HOH A O   1 
HETATM 667 O O   . HOH C 3 .  ? 7.198   5.682   -8.006  1.00 30.27 ? 115 HOH A O   1 
HETATM 668 O O   . HOH C 3 .  ? 7.748   -6.983  -5.960  1.00 23.48 ? 116 HOH A O   1 
HETATM 669 O O   . HOH C 3 .  ? -3.646  12.096  12.046  0.80 32.86 ? 117 HOH A O   1 
HETATM 670 O O   . HOH C 3 .  ? 3.530   19.874  -8.361  0.80 36.14 ? 118 HOH A O   1 
HETATM 671 O O   . HOH C 3 .  ? -7.881  8.396   7.194   0.70 35.51 ? 119 HOH A O   1 
HETATM 672 O O   . HOH C 3 .  ? -4.794  8.207   8.794   0.70 35.68 ? 120 HOH A O   1 
HETATM 673 O O   . HOH C 3 .  ? 6.443   1.785   15.777  0.70 25.80 ? 121 HOH A O   1 
HETATM 674 O O   . HOH C 3 .  ? -0.832  -10.690 -11.900 0.80 33.09 ? 122 HOH A O   1 
HETATM 675 O O   . HOH C 3 .  ? -2.991  -6.649  -17.582 0.90 30.35 ? 123 HOH A O   1 
HETATM 676 O O   . HOH C 3 .  ? 9.776   -5.456  -4.933  0.50 26.85 ? 124 HOH A O   1 
HETATM 677 O O   . HOH C 3 .  ? 3.411   -12.542 -3.255  0.90 26.82 ? 125 HOH A O   1 
HETATM 678 O O   . HOH C 3 .  ? -3.988  -10.013 -11.080 0.70 32.05 ? 126 HOH A O   1 
HETATM 679 O O   . HOH C 3 .  ? -4.947  10.980  -7.276  0.60 31.74 ? 127 HOH A O   1 
HETATM 680 O O   . HOH C 3 .  ? 8.733   4.508   12.487  0.70 33.61 ? 128 HOH A O   1 
HETATM 681 O O   . HOH C 3 .  ? 2.751   -10.668 -8.287  0.70 31.31 ? 129 HOH A O   1 
HETATM 682 O O   . HOH C 3 .  ? 12.135  -1.398  0.971   0.70 27.41 ? 130 HOH A O   1 
HETATM 683 O O   . HOH C 3 .  ? -9.527  8.156   5.242   0.50 39.83 ? 131 HOH A O   1 
HETATM 684 O O   . HOH C 3 .  ? 13.653  -5.644  0.727   0.50 37.68 ? 132 HOH A O   1 
HETATM 685 O O   . HOH C 3 .  ? 4.783   -1.100  15.901  0.80 37.02 ? 133 HOH A O   1 
HETATM 686 O O   . HOH C 3 .  ? 11.458  2.829   1.256   0.50 36.24 ? 134 HOH A O   1 
HETATM 687 O O   . HOH C 3 .  ? -11.436 -13.297 1.629   0.50 35.90 ? 135 HOH A O   1 
HETATM 688 O O   . HOH C 3 .  ? -8.993  -5.498  -16.003 0.40 39.98 ? 136 HOH A O   1 
HETATM 689 O O   . HOH C 3 .  ? 8.698   10.397  9.339   0.50 30.07 ? 137 HOH A O   1 
HETATM 690 O O   . HOH C 3 .  ? 2.171   -11.069 -10.988 0.70 32.90 ? 138 HOH A O   1 
HETATM 691 O O   . HOH C 3 .  ? -0.498  8.830   14.122  0.80 39.51 ? 139 HOH A O   1 
HETATM 692 O O   . HOH C 3 .  ? -4.823  10.421  -4.862  0.70 41.75 ? 140 HOH A O   1 
HETATM 693 O O   . HOH C 3 .  ? 4.211   -12.690 -7.601  0.60 42.22 ? 141 HOH A O   1 
HETATM 694 O O   . HOH C 3 .  ? 10.317  -7.519  6.979   0.40 35.14 ? 142 HOH A O   1 
HETATM 695 O O   . HOH C 3 .  ? -7.521  -11.454 -2.839  0.30 28.28 ? 143 HOH A O   1 
HETATM 696 O O   . HOH C 3 .  ? 11.896  2.077   -10.082 0.50 37.83 ? 144 HOH A O   1 
HETATM 697 O O   . HOH C 3 .  ? -11.473 -4.751  -10.552 0.50 32.65 ? 145 HOH A O   1 
HETATM 698 O O   . HOH C 3 .  ? -6.940  -6.539  5.319   0.80 40.24 ? 146 HOH A O   1 
HETATM 699 O O   . HOH C 3 .  ? 11.011  1.704   11.541  0.50 35.55 ? 147 HOH A O   1 
HETATM 700 O O   . HOH C 3 .  ? -5.735  12.591  -9.575  0.60 42.12 ? 148 HOH A O   1 
HETATM 701 O O   . HOH C 3 .  ? 10.885  -11.150 -4.406  0.60 37.65 ? 149 HOH A O   1 
HETATM 702 O O   . HOH C 3 .  ? 7.298   -14.476 0.138   0.50 26.27 ? 150 HOH A O   1 
HETATM 703 O O   . HOH C 3 .  ? 7.468   12.147  -5.728  0.40 22.89 ? 151 HOH A O   1 
HETATM 704 O O   . HOH C 3 .  ? 6.433   6.507   13.250  0.40 22.53 ? 152 HOH A O   1 
HETATM 705 O O   . HOH C 3 .  ? -10.917 -6.408  -17.792 0.50 35.68 ? 153 HOH A O   1 
HETATM 706 O O   . HOH C 3 .  ? 9.963   -10.254 1.610   0.60 39.73 ? 154 HOH A O   1 
HETATM 707 O O   . HOH C 3 .  ? -10.389 -3.933  9.877   0.50 37.73 ? 155 HOH A O   1 
HETATM 708 O O   . HOH C 3 .  ? -5.953  -1.870  -13.731 0.50 33.38 ? 156 HOH A O   1 
HETATM 709 O O   . HOH C 3 .  ? 10.110  -8.104  -6.484  0.60 29.05 ? 157 HOH A O   1 
HETATM 710 O O   . HOH C 3 .  ? -4.304  10.690  8.874   0.30 21.48 ? 158 HOH A O   1 
HETATM 711 O O   . HOH C 3 .  ? 10.386  5.167   -5.933  0.50 36.51 ? 159 HOH A O   1 
HETATM 712 O O   . HOH C 3 .  ? 7.960   5.507   -5.088  0.30 23.28 ? 160 HOH A O   1 
# 
